data_8HI1
#
_entry.id   8HI1
#
_cell.length_a   1.00
_cell.length_b   1.00
_cell.length_c   1.00
_cell.angle_alpha   90.00
_cell.angle_beta   90.00
_cell.angle_gamma   90.00
#
_symmetry.space_group_name_H-M   'P 1'
#
loop_
_entity.id
_entity.type
_entity.pdbx_description
1 polymer 'CRISPR-associated endonuclease Cas1'
2 polymer 'Type I-E CRISPR-associated endoribonuclease Cas2'
3 polymer 'DNA (26-MER)'
4 polymer 'DNA (31-MER)'
#
loop_
_entity_poly.entity_id
_entity_poly.type
_entity_poly.pdbx_seq_one_letter_code
_entity_poly.pdbx_strand_id
1 'polypeptide(L)'
;GASGSMVEKNGAKKTSLRELPKISDRVSFIYVEHAKINRVDSAITVLDSRGTVRIPAAMIGVLLLGPGTDISHRAVELIG
DTGTSMVWVGERGVRQYAHGRSLAHSTKFLEKQAKLVSNSRLRLAVARKMYQMRFPDEDVSAMTMQQLRGREGARVRRVY
RLQSEKYQVSWTKREYNPDDFEGGDIVNQALSAANVALYGLVHSIVIALGASPGLGFVHTGHDLSFIYDIADLYKAELTI
PLAFEIAANFTEIDDIGKIARQKVRDSFVDGKLIVRIVQDIQYLFDLDDDEELLVDTLSLWDDKDMLVKHGVSYKEEL
;
A,B,C,D
2 'polypeptide(L)'
;MPFTVVTLKSVPPSLRGDLTKWMQEIAIGVYVGNFNSRIREKLWNRIQANVGEGEATISYYYRNEIGYQFDMINSQKSVV
DFDGIPLVLIPNSKTSSENYPKLGYSNAAKSRKIKRYSSYRG
;
E,F
3 'polydeoxyribonucleotide'
;(DA)(DA)(DA)(DC)(DA)(DC)(DC)(DA)(DG)(DA)(DA)(DC)(DG)(DA)(DG)(DT)(DA)(DG)(DT)(DA)
(DA)(DA)(DT)(DT)(DG)(DA)(DT)(DG)(DT)(DT)(DG)(DT)(DC)(DT)(DT)(DG)(DC)(DT)
;
G
4 'polydeoxyribonucleotide'
;(DA)(DT)(DT)(DT)(DA)(DC)(DT)(DA)(DC)(DT)(DC)(DG)(DT)(DT)(DC)(DT)(DG)(DG)(DT)(DG)
(DT)(DT)(DT)(DT)(DT)(DG)(DT)(DG)(DT)(DT)(DT)(DA)(DA)(DT)(DG)(DA)(DT)(DG)
;
H
#
# COMPACT_ATOMS: atom_id res chain seq x y z
N SER A 28 -45.96 -17.30 27.22
CA SER A 28 -44.89 -18.01 26.51
C SER A 28 -43.95 -17.03 25.81
N PHE A 29 -44.43 -15.81 25.57
CA PHE A 29 -43.62 -14.75 25.01
C PHE A 29 -43.26 -13.75 26.09
N ILE A 30 -42.29 -12.88 25.77
CA ILE A 30 -41.79 -11.90 26.72
C ILE A 30 -41.21 -10.73 25.92
N TYR A 31 -41.17 -9.57 26.56
CA TYR A 31 -40.55 -8.38 26.00
C TYR A 31 -39.75 -7.68 27.09
N VAL A 32 -38.54 -7.28 26.75
CA VAL A 32 -37.63 -6.67 27.70
C VAL A 32 -37.05 -5.41 27.05
N GLU A 33 -36.76 -4.42 27.88
CA GLU A 33 -36.17 -3.17 27.42
C GLU A 33 -35.65 -2.40 28.63
N HIS A 34 -34.72 -1.49 28.36
CA HIS A 34 -34.13 -0.63 29.37
C HIS A 34 -33.78 -1.41 30.64
N ALA A 35 -33.01 -2.48 30.46
CA ALA A 35 -32.69 -3.38 31.56
C ALA A 35 -31.30 -3.97 31.37
N LYS A 36 -30.95 -4.88 32.27
CA LYS A 36 -29.71 -5.64 32.22
C LYS A 36 -30.01 -7.03 32.77
N ILE A 37 -29.20 -8.01 32.41
CA ILE A 37 -29.48 -9.40 32.72
C ILE A 37 -28.26 -10.08 33.30
N ASN A 38 -28.50 -11.13 34.08
CA ASN A 38 -27.46 -12.02 34.57
C ASN A 38 -28.12 -13.31 35.03
N ARG A 39 -27.30 -14.31 35.34
CA ARG A 39 -27.76 -15.65 35.70
C ARG A 39 -27.59 -15.88 37.19
N VAL A 40 -28.59 -16.51 37.81
CA VAL A 40 -28.49 -16.94 39.19
C VAL A 40 -29.24 -18.24 39.40
N ASP A 41 -28.51 -19.34 39.59
CA ASP A 41 -29.05 -20.62 40.02
C ASP A 41 -30.32 -20.99 39.25
N SER A 42 -30.13 -21.22 37.96
CA SER A 42 -31.18 -21.64 37.03
C SER A 42 -32.25 -20.58 36.84
N ALA A 43 -31.97 -19.33 37.21
CA ALA A 43 -32.91 -18.24 37.01
C ALA A 43 -32.12 -16.99 36.62
N ILE A 44 -32.82 -16.05 35.99
CA ILE A 44 -32.21 -14.80 35.54
C ILE A 44 -32.59 -13.70 36.53
N THR A 45 -31.88 -12.58 36.43
CA THR A 45 -32.04 -11.47 37.37
C THR A 45 -31.90 -10.17 36.58
N VAL A 46 -33.04 -9.61 36.18
CA VAL A 46 -33.04 -8.34 35.47
C VAL A 46 -32.69 -7.23 36.43
N LEU A 47 -32.38 -6.04 35.90
CA LEU A 47 -32.00 -4.89 36.72
C LEU A 47 -32.48 -3.63 36.02
N ASP A 48 -33.64 -3.13 36.42
CA ASP A 48 -34.18 -1.89 35.92
C ASP A 48 -33.98 -0.78 36.95
N SER A 49 -34.54 0.40 36.66
CA SER A 49 -34.41 1.53 37.58
C SER A 49 -35.04 1.21 38.92
N ARG A 50 -36.31 0.78 38.91
CA ARG A 50 -37.04 0.58 40.15
C ARG A 50 -36.46 -0.57 40.97
N GLY A 51 -36.47 -1.78 40.42
CA GLY A 51 -36.02 -2.93 41.16
C GLY A 51 -35.56 -4.05 40.25
N THR A 52 -35.27 -5.20 40.86
CA THR A 52 -34.77 -6.38 40.17
C THR A 52 -35.88 -7.44 40.15
N VAL A 53 -36.53 -7.57 39.00
CA VAL A 53 -37.44 -8.69 38.81
C VAL A 53 -36.62 -9.97 38.66
N ARG A 54 -37.31 -11.11 38.75
CA ARG A 54 -36.66 -12.41 38.63
C ARG A 54 -37.68 -13.43 38.16
N ILE A 55 -37.19 -14.49 37.52
CA ILE A 55 -38.03 -15.49 36.91
C ILE A 55 -37.19 -16.73 36.60
N PRO A 56 -37.65 -17.94 36.89
CA PRO A 56 -36.84 -19.13 36.64
C PRO A 56 -36.75 -19.43 35.15
N ALA A 57 -35.93 -20.43 34.83
CA ALA A 57 -35.67 -20.82 33.44
C ALA A 57 -36.63 -21.91 32.98
N ALA A 58 -37.92 -21.70 33.20
CA ALA A 58 -38.94 -22.63 32.71
C ALA A 58 -40.15 -21.96 32.10
N MET A 59 -40.44 -20.69 32.40
CA MET A 59 -41.64 -20.02 31.94
C MET A 59 -41.37 -19.06 30.79
N ILE A 60 -40.14 -18.98 30.29
CA ILE A 60 -39.79 -17.99 29.29
C ILE A 60 -40.33 -18.44 27.93
N GLY A 61 -39.77 -19.53 27.40
CA GLY A 61 -40.18 -19.97 26.09
C GLY A 61 -39.49 -19.17 25.00
N VAL A 62 -40.23 -18.24 24.43
CA VAL A 62 -39.66 -17.24 23.53
C VAL A 62 -39.20 -16.05 24.38
N LEU A 63 -38.35 -15.22 23.79
CA LEU A 63 -37.78 -14.10 24.51
C LEU A 63 -37.34 -13.04 23.50
N LEU A 64 -37.94 -11.86 23.60
CA LEU A 64 -37.60 -10.73 22.75
C LEU A 64 -36.77 -9.75 23.56
N LEU A 65 -35.82 -9.09 22.89
CA LEU A 65 -34.91 -8.17 23.53
C LEU A 65 -34.94 -6.84 22.79
N GLY A 66 -34.95 -5.76 23.56
CA GLY A 66 -35.07 -4.43 23.01
C GLY A 66 -33.92 -3.56 23.44
N PRO A 67 -33.93 -2.30 22.98
CA PRO A 67 -32.82 -1.39 23.27
C PRO A 67 -32.51 -1.32 24.76
N GLY A 68 -31.31 -0.86 25.05
CA GLY A 68 -30.89 -0.68 26.43
C GLY A 68 -30.70 -1.97 27.19
N THR A 69 -30.20 -3.02 26.55
CA THR A 69 -29.94 -4.29 27.20
C THR A 69 -28.53 -4.74 26.91
N ASP A 70 -27.80 -5.10 27.96
CA ASP A 70 -26.52 -5.78 27.85
C ASP A 70 -26.63 -7.09 28.61
N ILE A 71 -26.18 -8.17 28.00
CA ILE A 71 -26.48 -9.51 28.47
C ILE A 71 -25.19 -10.27 28.69
N SER A 72 -25.22 -11.14 29.71
CA SER A 72 -24.03 -11.82 30.20
C SER A 72 -23.74 -13.06 29.36
N HIS A 73 -22.84 -13.90 29.86
CA HIS A 73 -22.43 -15.14 29.22
C HIS A 73 -23.05 -16.37 29.87
N ARG A 74 -23.09 -16.39 31.21
CA ARG A 74 -23.73 -17.49 31.91
C ARG A 74 -25.23 -17.52 31.67
N ALA A 75 -25.84 -16.38 31.34
CA ALA A 75 -27.25 -16.34 31.00
C ALA A 75 -27.51 -16.93 29.61
N VAL A 76 -26.70 -16.54 28.62
CA VAL A 76 -26.78 -17.15 27.30
C VAL A 76 -26.57 -18.66 27.42
N GLU A 77 -25.63 -19.07 28.26
CA GLU A 77 -25.43 -20.50 28.51
C GLU A 77 -26.75 -21.19 28.81
N LEU A 78 -27.53 -20.64 29.75
CA LEU A 78 -28.81 -21.24 30.09
C LEU A 78 -29.79 -21.16 28.91
N ILE A 79 -30.02 -19.95 28.41
CA ILE A 79 -31.00 -19.77 27.33
C ILE A 79 -30.71 -20.69 26.16
N GLY A 80 -29.47 -21.18 26.07
CA GLY A 80 -29.13 -22.16 25.05
C GLY A 80 -29.30 -23.58 25.53
N ASP A 81 -29.02 -23.83 26.81
CA ASP A 81 -29.02 -25.17 27.38
C ASP A 81 -30.40 -25.62 27.84
N THR A 82 -31.43 -24.81 27.66
CA THR A 82 -32.78 -25.16 28.09
C THR A 82 -33.79 -25.25 26.95
N GLY A 83 -33.48 -24.72 25.78
CA GLY A 83 -34.41 -24.66 24.68
C GLY A 83 -35.08 -23.31 24.52
N THR A 84 -34.91 -22.41 25.48
CA THR A 84 -35.45 -21.08 25.35
C THR A 84 -34.88 -20.39 24.12
N SER A 85 -35.73 -19.65 23.42
CA SER A 85 -35.29 -18.88 22.28
C SER A 85 -34.62 -17.59 22.75
N MET A 86 -34.04 -16.86 21.81
CA MET A 86 -33.37 -15.60 22.12
C MET A 86 -33.28 -14.77 20.85
N VAL A 87 -33.77 -13.53 20.92
CA VAL A 87 -33.93 -12.68 19.74
C VAL A 87 -33.53 -11.25 20.12
N TRP A 88 -33.21 -10.46 19.11
CA TRP A 88 -32.81 -9.06 19.28
C TRP A 88 -33.68 -8.23 18.34
N VAL A 89 -34.62 -7.50 18.92
CA VAL A 89 -35.65 -6.79 18.17
C VAL A 89 -35.66 -5.32 18.56
N GLY A 90 -36.18 -4.50 17.65
CA GLY A 90 -36.37 -3.09 17.92
C GLY A 90 -37.46 -2.85 18.94
N GLU A 91 -38.02 -1.65 18.96
CA GLU A 91 -39.05 -1.32 19.94
C GLU A 91 -40.38 -1.93 19.53
N ARG A 92 -40.86 -2.87 20.34
CA ARG A 92 -42.06 -3.65 20.05
C ARG A 92 -41.91 -4.37 18.70
N GLY A 93 -40.82 -5.12 18.58
CA GLY A 93 -40.61 -6.04 17.48
C GLY A 93 -40.86 -5.48 16.09
N VAL A 94 -40.79 -4.16 15.93
CA VAL A 94 -41.05 -3.57 14.62
C VAL A 94 -39.89 -3.78 13.65
N ARG A 95 -38.81 -4.41 14.09
CA ARG A 95 -37.64 -4.60 13.24
C ARG A 95 -36.81 -5.73 13.82
N GLN A 96 -36.09 -6.42 12.93
CA GLN A 96 -35.29 -7.58 13.30
C GLN A 96 -33.82 -7.23 13.15
N TYR A 97 -33.00 -7.77 14.06
CA TYR A 97 -31.59 -7.45 14.11
C TYR A 97 -30.68 -8.67 14.22
N ALA A 98 -31.16 -9.80 14.75
CA ALA A 98 -30.36 -11.01 14.87
C ALA A 98 -31.28 -12.12 15.33
N HIS A 99 -30.73 -13.34 15.38
CA HIS A 99 -31.50 -14.54 15.65
C HIS A 99 -30.87 -15.29 16.82
N GLY A 100 -31.35 -16.49 17.04
CA GLY A 100 -30.69 -17.46 17.90
C GLY A 100 -31.05 -18.83 17.41
N ARG A 101 -31.15 -19.79 18.33
CA ARG A 101 -31.73 -21.08 17.97
C ARG A 101 -33.24 -20.96 18.08
N SER A 102 -33.94 -22.09 17.99
CA SER A 102 -35.39 -22.10 17.95
C SER A 102 -35.94 -22.87 19.14
N LEU A 103 -37.22 -22.63 19.42
CA LEU A 103 -37.85 -23.25 20.58
C LEU A 103 -37.68 -24.76 20.53
N ALA A 104 -36.93 -25.30 21.48
CA ALA A 104 -36.60 -26.70 21.57
C ALA A 104 -35.81 -27.20 20.37
N HIS A 105 -35.31 -26.30 19.53
CA HIS A 105 -34.44 -26.62 18.40
C HIS A 105 -35.14 -27.44 17.33
N SER A 106 -36.46 -27.30 17.20
CA SER A 106 -37.22 -28.13 16.29
C SER A 106 -37.17 -27.58 14.87
N THR A 107 -37.52 -28.45 13.91
CA THR A 107 -37.64 -28.06 12.51
C THR A 107 -38.98 -28.50 11.91
N LYS A 108 -39.92 -28.96 12.74
CA LYS A 108 -41.21 -29.44 12.24
C LYS A 108 -41.81 -28.51 11.21
N PHE A 109 -41.78 -27.20 11.47
CA PHE A 109 -42.28 -26.25 10.49
C PHE A 109 -41.38 -26.24 9.26
N LEU A 110 -40.07 -26.32 9.47
CA LEU A 110 -39.13 -26.32 8.34
C LEU A 110 -39.33 -27.57 7.48
N GLU A 111 -39.40 -28.74 8.11
CA GLU A 111 -39.61 -29.97 7.36
C GLU A 111 -40.96 -29.96 6.63
N LYS A 112 -42.03 -29.59 7.34
CA LYS A 112 -43.35 -29.59 6.71
C LYS A 112 -43.46 -28.51 5.65
N GLN A 113 -42.54 -27.55 5.65
CA GLN A 113 -42.51 -26.54 4.60
C GLN A 113 -41.71 -27.01 3.39
N ALA A 114 -40.59 -27.70 3.64
CA ALA A 114 -39.75 -28.16 2.54
C ALA A 114 -40.38 -29.35 1.82
N LYS A 115 -40.80 -30.36 2.57
CA LYS A 115 -41.52 -31.47 1.97
C LYS A 115 -42.69 -31.01 1.12
N LEU A 116 -43.27 -29.87 1.44
CA LEU A 116 -44.49 -29.39 0.80
C LEU A 116 -44.19 -28.54 -0.43
N VAL A 117 -43.25 -27.59 -0.29
CA VAL A 117 -42.96 -26.68 -1.39
C VAL A 117 -42.31 -27.40 -2.55
N SER A 118 -41.65 -28.53 -2.30
CA SER A 118 -41.00 -29.28 -3.36
C SER A 118 -41.97 -30.26 -4.03
N ASN A 119 -43.13 -29.73 -4.43
CA ASN A 119 -44.13 -30.53 -5.14
C ASN A 119 -45.06 -29.54 -5.84
N SER A 120 -45.01 -29.51 -7.16
CA SER A 120 -45.81 -28.54 -7.90
C SER A 120 -47.31 -28.77 -7.72
N ARG A 121 -47.71 -29.95 -7.26
CA ARG A 121 -49.12 -30.25 -7.04
C ARG A 121 -49.53 -29.96 -5.60
N LEU A 122 -48.82 -30.54 -4.64
CA LEU A 122 -49.11 -30.27 -3.24
C LEU A 122 -48.86 -28.81 -2.88
N ARG A 123 -48.06 -28.09 -3.66
CA ARG A 123 -47.87 -26.66 -3.46
C ARG A 123 -48.97 -25.90 -4.20
N LEU A 124 -50.21 -26.33 -4.03
CA LEU A 124 -51.36 -25.60 -4.52
C LEU A 124 -52.46 -25.46 -3.48
N ALA A 125 -52.65 -26.47 -2.64
CA ALA A 125 -53.73 -26.44 -1.65
C ALA A 125 -53.48 -25.38 -0.58
N VAL A 126 -52.26 -25.31 -0.05
CA VAL A 126 -51.95 -24.30 0.96
C VAL A 126 -52.08 -22.91 0.38
N ALA A 127 -51.64 -22.72 -0.87
CA ALA A 127 -51.84 -21.44 -1.54
C ALA A 127 -53.32 -21.10 -1.64
N ARG A 128 -54.14 -22.07 -2.07
CA ARG A 128 -55.58 -21.87 -2.11
C ARG A 128 -56.12 -21.43 -0.77
N LYS A 129 -55.71 -22.13 0.30
CA LYS A 129 -56.11 -21.75 1.65
C LYS A 129 -55.80 -20.29 1.91
N MET A 130 -54.53 -19.91 1.74
CA MET A 130 -54.15 -18.51 1.98
C MET A 130 -55.01 -17.57 1.16
N TYR A 131 -55.35 -17.96 -0.07
CA TYR A 131 -56.17 -17.10 -0.93
C TYR A 131 -57.59 -16.97 -0.38
N GLN A 132 -58.09 -18.02 0.28
CA GLN A 132 -59.47 -18.00 0.75
C GLN A 132 -59.60 -17.23 2.06
N MET A 133 -58.53 -17.15 2.85
CA MET A 133 -58.56 -16.39 4.09
C MET A 133 -58.86 -14.92 3.87
N ARG A 134 -58.76 -14.43 2.64
CA ARG A 134 -59.08 -13.05 2.30
C ARG A 134 -60.32 -12.94 1.43
N PHE A 135 -61.07 -14.03 1.25
CA PHE A 135 -62.32 -14.04 0.50
C PHE A 135 -63.32 -14.94 1.21
N PRO A 136 -63.77 -14.56 2.41
CA PRO A 136 -64.59 -15.48 3.21
C PRO A 136 -65.96 -15.78 2.60
N ASP A 137 -66.46 -14.92 1.72
CA ASP A 137 -67.82 -15.11 1.21
C ASP A 137 -67.85 -16.15 0.09
N GLU A 138 -66.77 -16.28 -0.66
CA GLU A 138 -66.72 -17.16 -1.82
C GLU A 138 -65.63 -18.21 -1.63
N ASP A 139 -65.84 -19.37 -2.27
CA ASP A 139 -64.86 -20.44 -2.26
C ASP A 139 -63.96 -20.32 -3.49
N VAL A 140 -62.72 -20.76 -3.34
CA VAL A 140 -61.70 -20.54 -4.37
C VAL A 140 -60.97 -21.83 -4.71
N SER A 141 -61.44 -22.97 -4.20
CA SER A 141 -60.77 -24.23 -4.52
C SER A 141 -61.27 -24.78 -5.84
N ALA A 142 -61.33 -23.93 -6.86
CA ALA A 142 -61.48 -24.34 -8.25
C ALA A 142 -60.61 -23.56 -9.22
N MET A 143 -60.18 -22.35 -8.85
CA MET A 143 -59.53 -21.42 -9.76
C MET A 143 -58.03 -21.68 -9.82
N THR A 144 -57.40 -21.15 -10.87
CA THR A 144 -55.99 -21.34 -11.12
C THR A 144 -55.18 -20.19 -10.52
N MET A 145 -53.91 -20.49 -10.21
CA MET A 145 -53.04 -19.50 -9.60
C MET A 145 -53.04 -18.20 -10.39
N GLN A 146 -52.90 -18.27 -11.71
CA GLN A 146 -52.82 -17.07 -12.53
C GLN A 146 -54.09 -16.23 -12.41
N GLN A 147 -55.24 -16.90 -12.21
CA GLN A 147 -56.51 -16.19 -12.11
C GLN A 147 -56.72 -15.61 -10.71
N LEU A 148 -56.00 -16.11 -9.70
CA LEU A 148 -56.22 -15.69 -8.33
C LEU A 148 -55.58 -14.33 -8.04
N ARG A 149 -54.43 -14.05 -8.66
CA ARG A 149 -53.78 -12.77 -8.44
C ARG A 149 -54.65 -11.62 -8.93
N GLY A 150 -55.45 -11.84 -9.97
CA GLY A 150 -56.33 -10.79 -10.44
C GLY A 150 -57.34 -10.38 -9.37
N ARG A 151 -58.00 -11.35 -8.76
CA ARG A 151 -58.97 -11.03 -7.72
C ARG A 151 -58.28 -10.50 -6.47
N GLU A 152 -57.05 -10.95 -6.21
CA GLU A 152 -56.29 -10.39 -5.11
C GLU A 152 -56.06 -8.89 -5.32
N GLY A 153 -55.49 -8.53 -6.47
CA GLY A 153 -55.31 -7.13 -6.80
C GLY A 153 -56.61 -6.35 -6.78
N ALA A 154 -57.69 -6.99 -7.23
CA ALA A 154 -59.00 -6.35 -7.19
C ALA A 154 -59.38 -5.96 -5.76
N ARG A 155 -59.36 -6.94 -4.85
CA ARG A 155 -59.69 -6.68 -3.45
C ARG A 155 -58.76 -5.63 -2.86
N VAL A 156 -57.49 -5.65 -3.25
CA VAL A 156 -56.52 -4.73 -2.66
C VAL A 156 -56.81 -3.30 -3.10
N ARG A 157 -56.99 -3.10 -4.41
CA ARG A 157 -57.37 -1.78 -4.91
C ARG A 157 -58.70 -1.33 -4.31
N ARG A 158 -59.60 -2.29 -4.05
CA ARG A 158 -60.89 -1.94 -3.47
C ARG A 158 -60.73 -1.39 -2.07
N VAL A 159 -59.97 -2.08 -1.22
CA VAL A 159 -59.75 -1.58 0.14
C VAL A 159 -58.99 -0.27 0.11
N TYR A 160 -58.05 -0.12 -0.83
CA TYR A 160 -57.32 1.13 -0.97
C TYR A 160 -58.27 2.28 -1.23
N ARG A 161 -59.06 2.19 -2.31
CA ARG A 161 -59.99 3.26 -2.65
C ARG A 161 -61.03 3.47 -1.55
N LEU A 162 -61.42 2.41 -0.87
CA LEU A 162 -62.38 2.53 0.22
C LEU A 162 -61.83 3.40 1.34
N GLN A 163 -60.62 3.07 1.83
CA GLN A 163 -60.01 3.88 2.86
C GLN A 163 -59.79 5.31 2.37
N SER A 164 -59.39 5.47 1.12
CA SER A 164 -59.18 6.80 0.55
C SER A 164 -60.45 7.64 0.66
N GLU A 165 -61.56 7.11 0.11
CA GLU A 165 -62.82 7.85 0.15
C GLU A 165 -63.31 8.05 1.57
N LYS A 166 -62.95 7.15 2.49
CA LYS A 166 -63.35 7.33 3.89
C LYS A 166 -62.63 8.52 4.50
N TYR A 167 -61.31 8.58 4.35
CA TYR A 167 -60.52 9.67 4.94
C TYR A 167 -60.39 10.88 4.04
N GLN A 168 -61.07 10.90 2.90
CA GLN A 168 -61.05 12.05 1.99
C GLN A 168 -59.62 12.39 1.57
N VAL A 169 -58.81 11.35 1.38
CA VAL A 169 -57.41 11.51 1.02
C VAL A 169 -57.27 11.29 -0.48
N SER A 170 -56.47 12.14 -1.12
CA SER A 170 -56.19 12.00 -2.55
C SER A 170 -55.30 10.79 -2.77
N TRP A 171 -55.89 9.69 -3.25
CA TRP A 171 -55.18 8.44 -3.47
C TRP A 171 -55.38 8.01 -4.91
N THR A 172 -54.28 7.64 -5.56
CA THR A 172 -54.35 7.19 -6.96
C THR A 172 -53.72 5.82 -7.17
N LYS A 173 -52.60 5.53 -6.54
CA LYS A 173 -51.93 4.25 -6.72
C LYS A 173 -50.72 4.17 -5.81
N ARG A 174 -50.08 3.00 -5.82
CA ARG A 174 -48.92 2.72 -4.99
C ARG A 174 -47.64 2.93 -5.79
N GLU A 175 -46.55 3.22 -5.06
CA GLU A 175 -45.24 3.43 -5.69
C GLU A 175 -44.18 2.90 -4.71
N TYR A 176 -43.60 1.75 -5.04
CA TYR A 176 -42.59 1.12 -4.19
C TYR A 176 -41.22 1.31 -4.84
N ASN A 177 -40.57 2.42 -4.54
CA ASN A 177 -39.21 2.67 -4.97
C ASN A 177 -38.24 2.27 -3.86
N PRO A 178 -37.54 1.14 -3.97
CA PRO A 178 -36.62 0.72 -2.92
C PRO A 178 -35.29 1.48 -2.89
N ASP A 179 -35.16 2.58 -3.63
CA ASP A 179 -33.93 3.36 -3.68
C ASP A 179 -34.07 4.73 -3.03
N ASP A 180 -35.06 5.53 -3.46
CA ASP A 180 -35.22 6.90 -3.01
C ASP A 180 -36.51 7.02 -2.22
N PHE A 181 -36.41 7.58 -1.01
CA PHE A 181 -37.58 7.87 -0.17
C PHE A 181 -37.97 9.33 -0.18
N GLU A 182 -37.15 10.20 -0.79
CA GLU A 182 -37.31 11.64 -0.59
C GLU A 182 -38.58 12.16 -1.27
N GLY A 183 -38.66 12.04 -2.59
CA GLY A 183 -39.80 12.59 -3.31
C GLY A 183 -41.10 11.99 -2.83
N GLY A 184 -41.35 10.74 -3.21
CA GLY A 184 -42.42 9.96 -2.61
C GLY A 184 -43.75 10.67 -2.52
N ASP A 185 -44.63 10.14 -1.66
CA ASP A 185 -45.90 10.77 -1.33
C ASP A 185 -46.25 10.38 0.11
N ILE A 186 -46.89 11.30 0.82
CA ILE A 186 -47.05 11.15 2.27
C ILE A 186 -47.62 9.77 2.60
N VAL A 187 -48.63 9.32 1.86
CA VAL A 187 -49.14 7.97 2.07
C VAL A 187 -48.15 6.95 1.53
N ASN A 188 -47.64 7.18 0.32
CA ASN A 188 -46.58 6.34 -0.22
C ASN A 188 -45.42 6.21 0.75
N GLN A 189 -45.25 7.18 1.65
CA GLN A 189 -44.18 7.18 2.63
C GLN A 189 -44.55 6.51 3.94
N ALA A 190 -45.79 6.68 4.41
CA ALA A 190 -46.21 6.13 5.70
C ALA A 190 -46.62 4.66 5.59
N LEU A 191 -47.38 4.31 4.56
CA LEU A 191 -47.77 2.92 4.36
C LEU A 191 -46.53 2.05 4.17
N SER A 192 -45.53 2.56 3.46
CA SER A 192 -44.29 1.81 3.29
C SER A 192 -43.67 1.46 4.64
N ALA A 193 -43.51 2.45 5.52
CA ALA A 193 -42.87 2.20 6.79
C ALA A 193 -43.71 1.30 7.68
N ALA A 194 -45.03 1.45 7.63
CA ALA A 194 -45.89 0.56 8.41
C ALA A 194 -45.76 -0.87 7.93
N ASN A 195 -45.75 -1.06 6.61
CA ASN A 195 -45.56 -2.39 6.06
C ASN A 195 -44.19 -2.96 6.43
N VAL A 196 -43.18 -2.10 6.54
CA VAL A 196 -41.85 -2.58 6.90
C VAL A 196 -41.83 -3.04 8.36
N ALA A 197 -42.48 -2.27 9.25
CA ALA A 197 -42.59 -2.71 10.63
C ALA A 197 -43.34 -4.03 10.73
N LEU A 198 -44.39 -4.18 9.94
CA LEU A 198 -45.14 -5.44 9.92
C LEU A 198 -44.25 -6.58 9.44
N TYR A 199 -43.50 -6.35 8.35
CA TYR A 199 -42.53 -7.32 7.88
C TYR A 199 -41.58 -7.71 9.00
N GLY A 200 -41.15 -6.74 9.81
CA GLY A 200 -40.19 -7.03 10.86
C GLY A 200 -40.76 -7.92 11.93
N LEU A 201 -41.98 -7.60 12.39
CA LEU A 201 -42.59 -8.44 13.42
C LEU A 201 -42.86 -9.85 12.88
N VAL A 202 -43.30 -9.95 11.63
CA VAL A 202 -43.54 -11.25 11.03
C VAL A 202 -42.24 -12.05 10.94
N HIS A 203 -41.17 -11.39 10.47
CA HIS A 203 -39.84 -12.00 10.47
C HIS A 203 -39.49 -12.55 11.85
N SER A 204 -39.67 -11.73 12.89
CA SER A 204 -39.32 -12.15 14.23
C SER A 204 -40.08 -13.42 14.61
N ILE A 205 -41.40 -13.39 14.53
CA ILE A 205 -42.19 -14.55 14.96
C ILE A 205 -41.84 -15.78 14.13
N VAL A 206 -41.73 -15.61 12.81
CA VAL A 206 -41.41 -16.72 11.93
C VAL A 206 -40.11 -17.38 12.36
N ILE A 207 -39.02 -16.62 12.42
CA ILE A 207 -37.75 -17.22 12.82
C ILE A 207 -37.84 -17.80 14.22
N ALA A 208 -38.73 -17.25 15.06
CA ALA A 208 -38.85 -17.78 16.42
C ALA A 208 -39.45 -19.17 16.42
N LEU A 209 -40.41 -19.42 15.54
CA LEU A 209 -41.02 -20.75 15.48
C LEU A 209 -40.03 -21.80 14.99
N GLY A 210 -39.39 -21.54 13.85
CA GLY A 210 -38.46 -22.50 13.27
C GLY A 210 -38.53 -22.54 11.75
N ALA A 211 -39.50 -21.85 11.18
CA ALA A 211 -39.70 -21.88 9.74
C ALA A 211 -38.59 -21.11 9.04
N SER A 212 -38.71 -21.01 7.71
CA SER A 212 -37.75 -20.29 6.90
C SER A 212 -38.47 -19.31 5.98
N PRO A 213 -37.92 -18.10 5.77
CA PRO A 213 -38.66 -17.08 5.01
C PRO A 213 -38.45 -17.17 3.51
N GLY A 214 -37.53 -18.05 3.08
CA GLY A 214 -37.25 -18.17 1.65
C GLY A 214 -38.10 -19.21 0.96
N LEU A 215 -38.49 -20.27 1.68
CA LEU A 215 -39.31 -21.34 1.12
C LEU A 215 -40.74 -20.83 1.01
N GLY A 216 -40.99 -20.05 -0.04
CA GLY A 216 -42.26 -19.40 -0.24
C GLY A 216 -43.15 -20.11 -1.23
N PHE A 217 -44.39 -19.62 -1.32
CA PHE A 217 -45.39 -20.19 -2.22
C PHE A 217 -45.91 -19.22 -3.28
N VAL A 218 -46.26 -18.00 -2.92
CA VAL A 218 -46.72 -17.00 -3.90
C VAL A 218 -45.50 -16.25 -4.40
N HIS A 219 -44.74 -15.67 -3.48
CA HIS A 219 -43.51 -14.99 -3.82
C HIS A 219 -42.33 -15.94 -3.67
N THR A 220 -41.34 -15.77 -4.56
CA THR A 220 -40.08 -16.47 -4.44
C THR A 220 -39.06 -15.76 -5.33
N GLY A 221 -37.80 -16.11 -5.13
CA GLY A 221 -36.70 -15.42 -5.77
C GLY A 221 -35.91 -14.53 -4.85
N HIS A 222 -36.39 -14.32 -3.62
CA HIS A 222 -35.71 -13.50 -2.64
C HIS A 222 -35.89 -14.15 -1.27
N ASP A 223 -35.09 -13.69 -0.31
CA ASP A 223 -34.96 -14.41 0.95
C ASP A 223 -36.10 -14.12 1.93
N LEU A 224 -36.95 -13.13 1.64
CA LEU A 224 -38.03 -12.73 2.53
C LEU A 224 -39.37 -12.73 1.78
N SER A 225 -39.63 -13.81 1.05
CA SER A 225 -40.86 -13.88 0.27
C SER A 225 -42.02 -14.41 1.09
N PHE A 226 -41.82 -15.54 1.77
CA PHE A 226 -42.83 -16.03 2.71
C PHE A 226 -43.28 -14.92 3.65
N ILE A 227 -42.37 -13.99 3.96
CA ILE A 227 -42.73 -12.85 4.80
C ILE A 227 -43.75 -11.97 4.09
N TYR A 228 -43.45 -11.55 2.86
CA TYR A 228 -44.38 -10.74 2.10
C TYR A 228 -45.75 -11.41 2.05
N ASP A 229 -45.75 -12.73 1.83
CA ASP A 229 -47.01 -13.44 1.65
C ASP A 229 -47.81 -13.48 2.94
N ILE A 230 -47.23 -14.06 4.00
CA ILE A 230 -47.95 -14.19 5.26
C ILE A 230 -48.24 -12.84 5.89
N ALA A 231 -47.66 -11.76 5.36
CA ALA A 231 -48.00 -10.44 5.87
C ALA A 231 -49.07 -9.76 5.02
N ASP A 232 -49.21 -10.19 3.76
CA ASP A 232 -50.29 -9.69 2.94
C ASP A 232 -51.65 -9.91 3.57
N LEU A 233 -51.79 -10.91 4.43
CA LEU A 233 -53.02 -11.12 5.17
C LEU A 233 -53.37 -9.89 5.99
N TYR A 234 -52.50 -9.53 6.93
CA TYR A 234 -52.76 -8.45 7.88
C TYR A 234 -52.54 -7.07 7.29
N LYS A 235 -51.92 -6.95 6.11
CA LYS A 235 -51.70 -5.63 5.53
C LYS A 235 -53.00 -4.90 5.24
N ALA A 236 -54.12 -5.62 5.12
CA ALA A 236 -55.39 -5.04 4.68
C ALA A 236 -56.24 -4.52 5.83
N GLU A 237 -55.76 -4.63 7.07
CA GLU A 237 -56.57 -4.27 8.23
C GLU A 237 -55.81 -3.51 9.30
N LEU A 238 -54.51 -3.27 9.14
CA LEU A 238 -53.69 -2.78 10.23
C LEU A 238 -52.76 -1.63 9.89
N THR A 239 -52.52 -1.35 8.60
CA THR A 239 -51.49 -0.38 8.24
C THR A 239 -52.00 0.67 7.27
N ILE A 240 -52.99 0.32 6.45
CA ILE A 240 -53.52 1.25 5.45
C ILE A 240 -54.47 2.25 6.11
N PRO A 241 -55.43 1.82 6.93
CA PRO A 241 -56.21 2.81 7.68
C PRO A 241 -55.35 3.70 8.56
N LEU A 242 -54.34 3.09 9.21
CA LEU A 242 -53.39 3.87 9.99
C LEU A 242 -52.70 4.91 9.12
N ALA A 243 -52.21 4.49 7.95
CA ALA A 243 -51.52 5.43 7.06
C ALA A 243 -52.43 6.55 6.62
N PHE A 244 -53.72 6.27 6.39
CA PHE A 244 -54.62 7.31 5.90
C PHE A 244 -54.98 8.29 7.02
N GLU A 245 -55.22 7.78 8.23
CA GLU A 245 -55.45 8.69 9.35
C GLU A 245 -54.18 9.47 9.68
N ILE A 246 -53.01 8.96 9.31
CA ILE A 246 -51.77 9.69 9.50
C ILE A 246 -51.66 10.81 8.46
N ALA A 247 -51.97 10.49 7.21
CA ALA A 247 -51.82 11.47 6.13
C ALA A 247 -52.90 12.54 6.16
N ALA A 248 -54.05 12.26 6.74
CA ALA A 248 -55.13 13.24 6.73
C ALA A 248 -54.81 14.46 7.59
N ASN A 249 -54.32 14.24 8.80
CA ASN A 249 -54.17 15.33 9.77
C ASN A 249 -52.71 15.56 10.16
N PHE A 250 -51.81 15.57 9.19
CA PHE A 250 -50.39 15.81 9.43
C PHE A 250 -49.82 16.63 8.28
N THR A 251 -48.51 16.88 8.35
CA THR A 251 -47.83 17.78 7.42
C THR A 251 -46.56 17.13 6.90
N GLU A 252 -46.01 17.74 5.84
CA GLU A 252 -44.77 17.23 5.25
C GLU A 252 -43.56 17.46 6.16
N ILE A 253 -43.55 18.54 6.93
CA ILE A 253 -42.39 18.83 7.77
C ILE A 253 -42.21 17.78 8.85
N ASP A 254 -43.30 17.20 9.34
CA ASP A 254 -43.20 16.21 10.39
C ASP A 254 -42.47 14.96 9.87
N ASP A 255 -41.93 14.19 10.82
CA ASP A 255 -41.26 12.93 10.49
C ASP A 255 -42.29 11.81 10.43
N ILE A 256 -43.02 11.80 9.31
CA ILE A 256 -44.03 10.77 9.08
C ILE A 256 -43.43 9.38 9.29
N GLY A 257 -42.19 9.19 8.83
CA GLY A 257 -41.53 7.91 9.01
C GLY A 257 -41.22 7.56 10.45
N LYS A 258 -41.13 8.57 11.32
CA LYS A 258 -40.96 8.31 12.74
C LYS A 258 -42.29 8.07 13.45
N ILE A 259 -43.33 8.78 13.05
CA ILE A 259 -44.61 8.62 13.74
C ILE A 259 -45.30 7.32 13.31
N ALA A 260 -45.06 6.86 12.08
CA ALA A 260 -45.69 5.62 11.63
C ALA A 260 -45.29 4.45 12.53
N ARG A 261 -43.98 4.21 12.64
CA ARG A 261 -43.52 3.09 13.46
C ARG A 261 -43.88 3.29 14.93
N GLN A 262 -44.04 4.53 15.38
CA GLN A 262 -44.47 4.75 16.75
C GLN A 262 -45.93 4.33 16.94
N LYS A 263 -46.81 4.75 16.03
CA LYS A 263 -48.20 4.30 16.07
C LYS A 263 -48.27 2.77 16.04
N VAL A 264 -47.44 2.15 15.19
CA VAL A 264 -47.47 0.69 15.08
C VAL A 264 -46.94 0.05 16.35
N ARG A 265 -45.92 0.65 16.98
CA ARG A 265 -45.43 0.18 18.26
C ARG A 265 -46.54 0.18 19.30
N ASP A 266 -47.27 1.30 19.38
CA ASP A 266 -48.41 1.38 20.27
C ASP A 266 -49.41 0.26 19.98
N SER A 267 -49.87 0.18 18.73
CA SER A 267 -50.80 -0.88 18.34
C SER A 267 -50.29 -2.26 18.71
N PHE A 268 -48.98 -2.46 18.72
CA PHE A 268 -48.41 -3.76 19.04
C PHE A 268 -48.39 -4.02 20.54
N VAL A 269 -48.24 -2.98 21.35
CA VAL A 269 -48.10 -3.17 22.80
C VAL A 269 -49.18 -4.12 23.34
N ASP A 270 -50.35 -4.16 22.70
CA ASP A 270 -51.41 -5.02 23.19
C ASP A 270 -50.98 -6.50 23.18
N GLY A 271 -50.59 -7.00 22.02
CA GLY A 271 -50.17 -8.39 21.90
C GLY A 271 -51.23 -9.32 21.37
N LYS A 272 -52.24 -8.81 20.66
CA LYS A 272 -53.27 -9.65 20.05
C LYS A 272 -52.88 -10.10 18.65
N LEU A 273 -51.91 -9.46 18.01
CA LEU A 273 -51.46 -9.84 16.69
C LEU A 273 -50.33 -10.86 16.71
N ILE A 274 -49.67 -11.05 17.86
CA ILE A 274 -48.69 -12.12 18.01
C ILE A 274 -49.35 -13.49 18.16
N VAL A 275 -50.68 -13.53 18.25
CA VAL A 275 -51.41 -14.74 18.62
C VAL A 275 -52.06 -15.38 17.40
N ARG A 276 -52.68 -14.57 16.53
CA ARG A 276 -53.36 -15.12 15.37
C ARG A 276 -52.36 -15.48 14.26
N ILE A 277 -51.13 -14.99 14.37
CA ILE A 277 -50.07 -15.43 13.44
C ILE A 277 -49.72 -16.89 13.70
N VAL A 278 -49.41 -17.21 14.95
CA VAL A 278 -49.07 -18.59 15.29
C VAL A 278 -50.23 -19.52 14.98
N GLN A 279 -51.45 -19.04 15.13
CA GLN A 279 -52.63 -19.84 14.82
C GLN A 279 -52.82 -20.04 13.32
N ASP A 280 -52.33 -19.11 12.50
CA ASP A 280 -52.38 -19.28 11.04
C ASP A 280 -51.26 -20.18 10.55
N ILE A 281 -50.10 -20.13 11.20
CA ILE A 281 -49.00 -21.01 10.82
C ILE A 281 -49.41 -22.47 10.99
N GLN A 282 -49.90 -22.81 12.18
CA GLN A 282 -50.31 -24.18 12.46
C GLN A 282 -51.48 -24.63 11.60
N TYR A 283 -52.14 -23.71 10.89
CA TYR A 283 -53.32 -24.03 10.10
C TYR A 283 -53.03 -24.14 8.61
N LEU A 284 -52.00 -23.45 8.11
CA LEU A 284 -51.63 -23.54 6.71
C LEU A 284 -50.73 -24.73 6.41
N PHE A 285 -50.16 -25.36 7.44
CA PHE A 285 -49.37 -26.57 7.27
C PHE A 285 -50.14 -27.81 7.71
N ASP A 286 -51.39 -27.65 8.15
CA ASP A 286 -52.23 -28.78 8.55
C ASP A 286 -51.61 -29.52 9.73
N LEU A 287 -51.44 -28.80 10.84
CA LEU A 287 -51.01 -29.38 12.11
C LEU A 287 -52.20 -29.47 13.05
N ASP A 288 -52.40 -30.64 13.63
CA ASP A 288 -53.56 -30.90 14.47
C ASP A 288 -53.53 -30.02 15.72
N ASP A 289 -54.60 -30.12 16.51
CA ASP A 289 -54.71 -29.32 17.72
C ASP A 289 -53.75 -29.79 18.80
N ASP A 290 -53.58 -31.11 18.94
CA ASP A 290 -52.69 -31.64 19.97
C ASP A 290 -51.25 -31.23 19.77
N GLU A 291 -50.91 -30.66 18.60
CA GLU A 291 -49.58 -30.10 18.37
C GLU A 291 -49.52 -28.61 18.62
N GLU A 292 -50.66 -27.93 18.72
CA GLU A 292 -50.66 -26.49 18.97
C GLU A 292 -49.93 -26.18 20.27
N LEU A 293 -49.50 -24.92 20.38
CA LEU A 293 -48.68 -24.45 21.49
C LEU A 293 -49.37 -23.28 22.17
N LEU A 294 -48.92 -22.96 23.37
CA LEU A 294 -49.51 -21.90 24.18
C LEU A 294 -48.81 -20.58 23.88
N VAL A 295 -49.52 -19.68 23.21
CA VAL A 295 -49.02 -18.34 22.91
C VAL A 295 -49.59 -17.40 23.97
N ASP A 296 -48.78 -17.08 24.98
CA ASP A 296 -49.23 -16.26 26.11
C ASP A 296 -48.21 -15.16 26.34
N THR A 297 -48.59 -13.93 26.02
CA THR A 297 -47.73 -12.78 26.29
C THR A 297 -47.61 -12.56 27.80
N LEU A 298 -46.65 -11.70 28.17
CA LEU A 298 -46.38 -11.41 29.57
C LEU A 298 -45.80 -10.01 29.69
N SER A 299 -46.17 -9.33 30.77
CA SER A 299 -45.63 -8.01 31.08
C SER A 299 -45.58 -7.90 32.60
N LEU A 300 -44.44 -8.24 33.18
CA LEU A 300 -44.27 -8.23 34.63
C LEU A 300 -43.82 -6.89 35.17
N TRP A 301 -43.65 -5.89 34.31
CA TRP A 301 -43.14 -4.59 34.74
C TRP A 301 -44.00 -3.51 34.08
N ASP A 302 -44.79 -2.81 34.89
CA ASP A 302 -45.65 -1.74 34.43
C ASP A 302 -45.43 -0.52 35.32
N ASP A 303 -45.79 0.65 34.79
CA ASP A 303 -45.65 1.91 35.51
C ASP A 303 -46.97 2.46 36.00
N LYS A 304 -48.09 1.81 35.67
CA LYS A 304 -49.41 2.30 36.05
C LYS A 304 -50.33 1.21 36.60
N ASP A 305 -50.00 -0.06 36.44
CA ASP A 305 -50.85 -1.16 36.90
C ASP A 305 -50.00 -2.16 37.69
N MET A 306 -50.69 -3.09 38.35
CA MET A 306 -50.06 -4.12 39.16
C MET A 306 -50.23 -5.47 38.47
N LEU A 307 -49.11 -6.06 38.05
CA LEU A 307 -49.11 -7.37 37.39
C LEU A 307 -47.92 -8.15 37.97
N VAL A 308 -48.16 -8.84 39.09
CA VAL A 308 -47.13 -9.60 39.79
C VAL A 308 -47.79 -10.81 40.44
N LYS A 309 -47.34 -12.00 40.09
CA LYS A 309 -47.94 -13.22 40.64
C LYS A 309 -47.20 -14.44 40.09
N HIS A 310 -47.48 -15.58 40.73
CA HIS A 310 -47.21 -16.91 40.18
C HIS A 310 -45.72 -17.13 39.89
N GLY A 311 -44.94 -17.14 40.97
CA GLY A 311 -43.61 -17.69 40.95
C GLY A 311 -42.47 -16.69 40.80
N VAL A 312 -42.72 -15.50 40.27
CA VAL A 312 -41.68 -14.51 40.08
C VAL A 312 -41.37 -13.89 41.44
N SER A 313 -40.20 -14.18 41.97
CA SER A 313 -39.81 -13.77 43.32
C SER A 313 -38.95 -12.51 43.21
N TYR A 314 -39.61 -11.36 43.20
CA TYR A 314 -38.91 -10.08 43.18
C TYR A 314 -37.90 -10.02 44.31
N LYS A 315 -36.61 -10.05 43.98
CA LYS A 315 -35.54 -9.98 44.97
C LYS A 315 -35.00 -8.54 45.05
N GLU A 316 -35.90 -7.61 45.35
CA GLU A 316 -35.53 -6.20 45.43
C GLU A 316 -34.66 -5.95 46.65
N LYS B 9 -30.72 11.30 9.72
CA LYS B 9 -29.38 11.02 10.21
C LYS B 9 -29.43 10.44 11.63
N ASN B 10 -29.10 11.26 12.63
CA ASN B 10 -29.11 10.79 14.01
C ASN B 10 -28.19 9.59 14.19
N GLY B 11 -27.28 9.39 13.26
CA GLY B 11 -26.35 8.28 13.33
C GLY B 11 -25.72 8.04 11.97
N ALA B 12 -24.88 7.02 11.92
CA ALA B 12 -24.28 6.57 10.67
C ALA B 12 -25.33 5.82 9.86
N LYS B 13 -24.95 5.37 8.67
CA LYS B 13 -25.81 4.59 7.80
C LYS B 13 -25.42 3.12 7.86
N LYS B 14 -26.37 2.26 7.52
CA LYS B 14 -26.17 0.82 7.56
C LYS B 14 -25.35 0.36 6.35
N THR B 15 -24.85 -0.87 6.45
CA THR B 15 -24.01 -1.45 5.42
C THR B 15 -24.85 -1.91 4.23
N SER B 16 -24.38 -1.62 3.03
CA SER B 16 -25.02 -2.11 1.81
C SER B 16 -24.45 -3.48 1.47
N LEU B 17 -24.76 -3.96 0.26
CA LEU B 17 -24.35 -5.29 -0.16
C LEU B 17 -23.14 -5.27 -1.09
N ARG B 18 -22.96 -4.20 -1.87
CA ARG B 18 -21.79 -4.10 -2.72
C ARG B 18 -20.58 -3.53 -1.99
N GLU B 19 -20.80 -2.94 -0.82
CA GLU B 19 -19.69 -2.45 0.00
C GLU B 19 -19.10 -3.54 0.88
N LEU B 20 -19.59 -4.74 0.79
CA LEU B 20 -19.10 -5.83 1.61
C LEU B 20 -18.16 -6.72 0.81
N PRO B 21 -17.20 -7.36 1.47
CA PRO B 21 -16.35 -8.33 0.78
C PRO B 21 -16.90 -9.74 0.88
N LYS B 22 -16.68 -10.51 -0.18
CA LYS B 22 -17.11 -11.91 -0.19
C LYS B 22 -16.49 -12.65 0.99
N ILE B 23 -17.04 -13.83 1.30
CA ILE B 23 -16.58 -14.60 2.44
C ILE B 23 -15.26 -15.28 2.15
N SER B 24 -14.86 -15.34 0.88
CA SER B 24 -13.59 -15.95 0.50
C SER B 24 -12.42 -14.99 0.58
N ASP B 25 -12.67 -13.69 0.46
CA ASP B 25 -11.64 -12.67 0.50
C ASP B 25 -11.47 -12.08 1.89
N ARG B 26 -11.71 -12.87 2.93
CA ARG B 26 -11.83 -12.37 4.30
C ARG B 26 -10.91 -13.12 5.24
N VAL B 27 -10.78 -12.57 6.44
CA VAL B 27 -10.23 -13.31 7.56
C VAL B 27 -11.26 -14.33 8.04
N SER B 28 -10.81 -15.25 8.89
CA SER B 28 -11.64 -16.39 9.27
C SER B 28 -12.35 -16.17 10.60
N PHE B 29 -11.60 -15.90 11.66
CA PHE B 29 -12.19 -15.78 13.00
C PHE B 29 -11.30 -14.94 13.91
N ILE B 30 -11.90 -14.51 15.02
CA ILE B 30 -11.19 -13.76 16.05
C ILE B 30 -11.76 -14.21 17.39
N TYR B 31 -10.90 -14.30 18.40
CA TYR B 31 -11.31 -14.72 19.73
C TYR B 31 -11.44 -13.51 20.66
N VAL B 32 -12.05 -13.74 21.82
CA VAL B 32 -12.34 -12.70 22.79
C VAL B 32 -12.58 -13.38 24.13
N GLU B 33 -12.33 -12.64 25.21
CA GLU B 33 -12.56 -13.17 26.55
C GLU B 33 -12.40 -12.05 27.57
N HIS B 34 -13.12 -12.19 28.67
CA HIS B 34 -13.01 -11.30 29.83
C HIS B 34 -12.92 -9.84 29.40
N ALA B 35 -13.96 -9.37 28.73
CA ALA B 35 -14.00 -8.01 28.22
C ALA B 35 -15.44 -7.53 28.23
N LYS B 36 -15.68 -6.39 27.57
CA LYS B 36 -17.02 -5.85 27.41
C LYS B 36 -17.07 -5.15 26.06
N ILE B 37 -18.17 -5.38 25.34
CA ILE B 37 -18.27 -4.95 23.95
C ILE B 37 -19.41 -3.96 23.85
N ASN B 38 -19.28 -3.00 22.93
CA ASN B 38 -20.18 -1.86 22.87
C ASN B 38 -20.03 -1.20 21.51
N ARG B 39 -20.94 -0.27 21.24
CA ARG B 39 -20.88 0.58 20.06
C ARG B 39 -20.42 1.98 20.46
N VAL B 40 -19.44 2.50 19.75
CA VAL B 40 -18.89 3.82 20.03
C VAL B 40 -18.57 4.50 18.71
N ASP B 41 -19.04 5.74 18.57
CA ASP B 41 -18.81 6.54 17.36
C ASP B 41 -19.10 5.74 16.10
N SER B 42 -20.11 4.88 16.16
CA SER B 42 -20.53 4.05 15.02
C SER B 42 -19.44 3.02 14.68
N ALA B 43 -18.96 2.36 15.72
CA ALA B 43 -17.90 1.36 15.57
C ALA B 43 -18.18 0.24 16.57
N ILE B 44 -17.32 -0.77 16.60
CA ILE B 44 -17.42 -1.89 17.52
C ILE B 44 -16.20 -1.84 18.42
N THR B 45 -16.42 -1.61 19.72
CA THR B 45 -15.36 -1.42 20.68
C THR B 45 -15.30 -2.59 21.65
N VAL B 46 -14.08 -2.89 22.10
CA VAL B 46 -13.82 -3.96 23.04
C VAL B 46 -12.96 -3.39 24.16
N LEU B 47 -13.49 -3.41 25.38
CA LEU B 47 -12.82 -2.82 26.53
C LEU B 47 -12.30 -3.91 27.45
N ASP B 48 -11.20 -3.61 28.13
CA ASP B 48 -10.55 -4.56 29.02
C ASP B 48 -9.45 -3.79 29.77
N SER B 49 -8.76 -4.48 30.69
CA SER B 49 -7.71 -3.84 31.45
C SER B 49 -6.56 -3.41 30.54
N ARG B 50 -6.04 -4.35 29.74
CA ARG B 50 -4.94 -4.04 28.84
C ARG B 50 -5.21 -2.80 28.00
N GLY B 51 -6.47 -2.48 27.73
CA GLY B 51 -6.79 -1.27 26.99
C GLY B 51 -8.12 -1.28 26.29
N THR B 52 -8.14 -0.88 25.03
CA THR B 52 -9.38 -0.69 24.28
C THR B 52 -9.09 -0.92 22.81
N VAL B 53 -9.72 -1.95 22.25
CA VAL B 53 -9.50 -2.33 20.87
C VAL B 53 -10.78 -2.09 20.07
N ARG B 54 -10.59 -1.81 18.78
CA ARG B 54 -11.69 -1.71 17.84
C ARG B 54 -11.53 -2.81 16.80
N ILE B 55 -12.63 -3.19 16.17
CA ILE B 55 -12.73 -4.44 15.42
C ILE B 55 -13.15 -4.11 14.00
N PRO B 56 -12.43 -4.59 12.98
CA PRO B 56 -12.92 -4.54 11.58
C PRO B 56 -13.90 -5.68 11.28
N ALA B 57 -15.17 -5.43 11.58
CA ALA B 57 -16.16 -6.50 11.57
C ALA B 57 -16.63 -6.87 10.16
N ALA B 58 -16.15 -6.20 9.12
CA ALA B 58 -16.46 -6.58 7.75
C ALA B 58 -15.30 -7.28 7.05
N MET B 59 -14.22 -7.55 7.76
CA MET B 59 -13.11 -8.36 7.26
C MET B 59 -12.88 -9.57 8.15
N ILE B 60 -14.00 -10.23 8.47
CA ILE B 60 -14.00 -11.31 9.45
C ILE B 60 -15.24 -12.15 9.20
N GLY B 61 -15.22 -13.38 9.71
CA GLY B 61 -16.29 -14.33 9.40
C GLY B 61 -16.98 -14.87 10.63
N VAL B 62 -16.35 -14.74 11.80
CA VAL B 62 -16.96 -15.21 13.04
C VAL B 62 -16.21 -14.67 14.25
N LEU B 63 -16.96 -14.36 15.30
CA LEU B 63 -16.39 -14.12 16.62
C LEU B 63 -16.63 -15.33 17.50
N LEU B 64 -15.82 -15.45 18.54
CA LEU B 64 -16.03 -16.44 19.58
C LEU B 64 -15.98 -15.71 20.91
N LEU B 65 -17.01 -15.90 21.73
CA LEU B 65 -17.22 -15.08 22.92
C LEU B 65 -17.04 -15.96 24.15
N GLY B 66 -15.82 -16.01 24.66
CA GLY B 66 -15.50 -16.81 25.82
C GLY B 66 -16.14 -16.29 27.08
N PRO B 67 -15.71 -16.82 28.22
CA PRO B 67 -16.33 -16.46 29.49
C PRO B 67 -16.19 -14.96 29.78
N GLY B 68 -16.96 -14.52 30.78
CA GLY B 68 -16.81 -13.18 31.33
C GLY B 68 -17.26 -12.04 30.45
N THR B 69 -17.58 -12.28 29.18
CA THR B 69 -17.87 -11.19 28.26
C THR B 69 -19.32 -10.72 28.38
N ASP B 70 -19.53 -9.45 28.05
CA ASP B 70 -20.85 -8.85 27.97
C ASP B 70 -20.95 -8.09 26.65
N ILE B 71 -22.15 -8.08 26.07
CA ILE B 71 -22.38 -7.45 24.77
C ILE B 71 -23.79 -6.90 24.75
N SER B 72 -23.97 -5.84 23.96
CA SER B 72 -25.18 -5.04 23.98
C SER B 72 -25.94 -5.12 22.66
N HIS B 73 -27.26 -4.94 22.75
CA HIS B 73 -28.16 -4.96 21.59
C HIS B 73 -27.62 -4.17 20.40
N ARG B 74 -27.15 -2.96 20.66
CA ARG B 74 -26.75 -2.06 19.58
C ARG B 74 -25.39 -2.42 19.00
N ALA B 75 -24.75 -3.46 19.53
CA ALA B 75 -23.53 -4.01 18.94
C ALA B 75 -23.84 -5.16 18.00
N VAL B 76 -24.71 -6.09 18.42
CA VAL B 76 -25.12 -7.16 17.53
C VAL B 76 -25.89 -6.59 16.34
N GLU B 77 -26.74 -5.58 16.57
CA GLU B 77 -27.42 -4.92 15.47
C GLU B 77 -26.44 -4.54 14.37
N LEU B 78 -25.20 -4.24 14.72
CA LEU B 78 -24.21 -3.76 13.78
C LEU B 78 -23.37 -4.91 13.21
N ILE B 79 -22.95 -5.84 14.07
CA ILE B 79 -22.24 -7.02 13.60
C ILE B 79 -23.06 -7.77 12.57
N GLY B 80 -24.24 -8.24 12.97
CA GLY B 80 -25.13 -8.95 12.07
C GLY B 80 -25.27 -8.31 10.70
N ASP B 81 -25.32 -6.98 10.67
CA ASP B 81 -25.56 -6.24 9.43
C ASP B 81 -24.39 -6.32 8.45
N THR B 82 -23.34 -7.08 8.76
CA THR B 82 -22.21 -7.25 7.87
C THR B 82 -22.21 -8.63 7.22
N GLY B 83 -22.31 -9.69 8.01
CA GLY B 83 -22.23 -11.05 7.53
C GLY B 83 -21.46 -11.91 8.50
N THR B 84 -20.77 -11.25 9.43
CA THR B 84 -20.11 -11.96 10.51
C THR B 84 -21.13 -12.69 11.37
N SER B 85 -20.64 -13.59 12.22
CA SER B 85 -21.50 -14.40 13.07
C SER B 85 -20.93 -14.47 14.47
N MET B 86 -21.82 -14.42 15.46
CA MET B 86 -21.46 -14.50 16.86
C MET B 86 -21.70 -15.91 17.35
N VAL B 87 -20.82 -16.38 18.23
CA VAL B 87 -20.93 -17.71 18.80
C VAL B 87 -20.38 -17.68 20.22
N TRP B 88 -21.18 -18.14 21.18
CA TRP B 88 -20.82 -18.11 22.59
C TRP B 88 -20.18 -19.45 22.94
N VAL B 89 -18.85 -19.50 22.86
CA VAL B 89 -18.11 -20.73 23.14
C VAL B 89 -17.90 -20.88 24.64
N GLY B 90 -17.47 -22.06 25.07
CA GLY B 90 -17.28 -22.34 26.48
C GLY B 90 -16.51 -23.62 26.72
N GLU B 91 -15.88 -23.74 27.89
CA GLU B 91 -15.06 -24.90 28.18
C GLU B 91 -15.79 -26.21 27.88
N ARG B 92 -17.08 -26.26 28.23
CA ARG B 92 -17.85 -27.48 28.01
C ARG B 92 -18.05 -27.79 26.54
N GLY B 93 -17.95 -26.78 25.67
CA GLY B 93 -18.13 -26.96 24.25
C GLY B 93 -18.73 -25.73 23.63
N VAL B 94 -19.42 -25.93 22.51
CA VAL B 94 -20.09 -24.83 21.84
C VAL B 94 -21.43 -24.54 22.50
N ARG B 95 -21.92 -23.32 22.33
CA ARG B 95 -23.23 -22.92 22.81
C ARG B 95 -23.86 -22.03 21.73
N GLN B 96 -25.05 -21.50 22.00
CA GLN B 96 -25.96 -21.08 20.94
C GLN B 96 -25.31 -20.10 19.96
N TYR B 97 -25.86 -20.06 18.74
CA TYR B 97 -25.31 -19.30 17.63
C TYR B 97 -26.06 -17.98 17.48
N ALA B 98 -25.74 -17.25 16.40
CA ALA B 98 -26.42 -16.01 16.08
C ALA B 98 -26.01 -15.61 14.67
N HIS B 99 -26.93 -14.96 13.96
CA HIS B 99 -26.64 -14.47 12.62
C HIS B 99 -27.76 -13.53 12.19
N GLY B 100 -27.39 -12.41 11.59
CA GLY B 100 -28.36 -11.40 11.23
C GLY B 100 -28.79 -11.39 9.77
N ARG B 101 -27.82 -11.47 8.85
CA ARG B 101 -28.13 -11.30 7.44
C ARG B 101 -27.37 -12.34 6.62
N SER B 102 -27.96 -12.70 5.49
CA SER B 102 -27.34 -13.59 4.52
C SER B 102 -26.84 -12.78 3.34
N LEU B 103 -25.58 -13.04 2.95
CA LEU B 103 -24.95 -12.25 1.88
C LEU B 103 -25.39 -12.76 0.52
N ALA B 104 -26.70 -12.90 0.32
CA ALA B 104 -27.24 -13.40 -0.95
C ALA B 104 -28.76 -13.24 -0.97
N HIS B 105 -29.29 -12.79 -2.10
CA HIS B 105 -30.73 -12.61 -2.28
C HIS B 105 -31.26 -13.44 -3.45
N SER B 106 -30.84 -14.71 -3.53
CA SER B 106 -31.18 -15.58 -4.64
C SER B 106 -32.10 -16.73 -4.23
N THR B 107 -31.75 -17.43 -3.15
CA THR B 107 -32.53 -18.58 -2.68
C THR B 107 -32.60 -19.67 -3.75
N LYS B 108 -31.42 -20.20 -4.10
CA LYS B 108 -31.30 -21.30 -5.06
C LYS B 108 -30.75 -22.56 -4.42
N PHE B 109 -29.64 -22.43 -3.68
CA PHE B 109 -29.09 -23.56 -2.95
C PHE B 109 -30.13 -24.15 -2.01
N LEU B 110 -30.94 -23.29 -1.39
CA LEU B 110 -31.96 -23.77 -0.46
C LEU B 110 -33.09 -24.47 -1.21
N GLU B 111 -33.49 -23.92 -2.36
CA GLU B 111 -34.50 -24.60 -3.17
C GLU B 111 -34.05 -26.01 -3.54
N LYS B 112 -32.83 -26.14 -4.06
CA LYS B 112 -32.33 -27.46 -4.43
C LYS B 112 -32.16 -28.35 -3.20
N GLN B 113 -31.74 -27.78 -2.09
CA GLN B 113 -31.59 -28.56 -0.86
C GLN B 113 -32.92 -29.15 -0.42
N ALA B 114 -33.99 -28.35 -0.45
CA ALA B 114 -35.31 -28.83 -0.10
C ALA B 114 -35.78 -29.90 -1.09
N LYS B 115 -35.68 -29.60 -2.38
CA LYS B 115 -36.02 -30.59 -3.40
C LYS B 115 -35.35 -31.93 -3.13
N LEU B 116 -34.05 -31.92 -2.84
CA LEU B 116 -33.32 -33.15 -2.62
C LEU B 116 -33.74 -33.85 -1.33
N VAL B 117 -33.86 -33.10 -0.23
CA VAL B 117 -34.08 -33.70 1.07
C VAL B 117 -35.52 -34.15 1.28
N SER B 118 -36.46 -33.63 0.50
CA SER B 118 -37.85 -34.07 0.61
C SER B 118 -37.95 -35.58 0.48
N ASN B 119 -37.43 -36.13 -0.62
CA ASN B 119 -37.41 -37.56 -0.82
C ASN B 119 -36.32 -38.19 0.06
N SER B 120 -36.17 -39.52 -0.07
CA SER B 120 -35.22 -40.27 0.75
C SER B 120 -34.17 -41.03 -0.05
N ARG B 121 -34.47 -41.43 -1.28
CA ARG B 121 -33.48 -42.20 -2.05
C ARG B 121 -32.24 -41.37 -2.33
N LEU B 122 -32.42 -40.19 -2.93
CA LEU B 122 -31.28 -39.32 -3.19
C LEU B 122 -30.83 -38.56 -1.96
N ARG B 123 -31.52 -38.74 -0.82
CA ARG B 123 -30.96 -38.32 0.46
C ARG B 123 -29.93 -39.34 0.94
N LEU B 124 -30.28 -40.62 0.92
CA LEU B 124 -29.30 -41.65 1.25
C LEU B 124 -28.15 -41.66 0.25
N ALA B 125 -28.43 -41.26 -1.00
CA ALA B 125 -27.36 -41.07 -1.96
C ALA B 125 -26.25 -40.20 -1.40
N VAL B 126 -26.58 -38.99 -0.96
CA VAL B 126 -25.59 -38.07 -0.40
C VAL B 126 -25.11 -38.60 0.95
N ALA B 127 -25.98 -39.30 1.67
CA ALA B 127 -25.58 -39.89 2.95
C ALA B 127 -24.38 -40.81 2.79
N ARG B 128 -24.36 -41.60 1.72
CA ARG B 128 -23.25 -42.51 1.48
C ARG B 128 -22.11 -41.84 0.71
N LYS B 129 -22.43 -40.89 -0.18
CA LYS B 129 -21.39 -40.05 -0.74
C LYS B 129 -20.62 -39.33 0.35
N MET B 130 -21.21 -39.17 1.53
CA MET B 130 -20.48 -38.64 2.68
C MET B 130 -19.34 -39.56 3.06
N TYR B 131 -19.64 -40.84 3.28
CA TYR B 131 -18.58 -41.82 3.54
C TYR B 131 -17.58 -41.84 2.40
N GLN B 132 -18.04 -41.62 1.17
CA GLN B 132 -17.15 -41.63 0.02
C GLN B 132 -16.15 -40.49 0.10
N MET B 133 -16.65 -39.25 0.12
CA MET B 133 -15.81 -38.05 0.15
C MET B 133 -15.08 -37.87 1.48
N ARG B 134 -15.42 -38.67 2.50
CA ARG B 134 -14.80 -38.52 3.80
C ARG B 134 -13.55 -39.37 3.95
N PHE B 135 -13.67 -40.67 3.72
CA PHE B 135 -12.55 -41.58 3.93
C PHE B 135 -11.56 -41.47 2.78
N PRO B 136 -10.27 -41.79 3.03
CA PRO B 136 -9.21 -41.47 2.07
C PRO B 136 -9.53 -41.77 0.62
N ASP B 137 -9.80 -43.02 0.29
CA ASP B 137 -9.91 -43.47 -1.10
C ASP B 137 -11.34 -43.94 -1.40
N GLU B 138 -11.55 -44.30 -2.67
CA GLU B 138 -12.82 -44.87 -3.10
C GLU B 138 -12.87 -46.38 -2.90
N ASP B 139 -11.73 -47.06 -3.01
CA ASP B 139 -11.69 -48.50 -2.80
C ASP B 139 -12.05 -48.87 -1.37
N VAL B 140 -12.05 -47.92 -0.45
CA VAL B 140 -12.47 -48.15 0.93
C VAL B 140 -13.96 -47.84 1.09
N SER B 141 -14.67 -47.60 -0.01
CA SER B 141 -16.08 -47.26 0.07
C SER B 141 -16.90 -48.43 0.58
N ALA B 142 -17.85 -48.12 1.47
CA ALA B 142 -18.76 -49.12 2.03
C ALA B 142 -20.16 -48.52 1.97
N MET B 143 -20.84 -48.75 0.86
CA MET B 143 -22.20 -48.25 0.66
C MET B 143 -23.21 -49.27 1.20
N THR B 144 -23.15 -49.46 2.52
CA THR B 144 -24.01 -50.41 3.23
C THR B 144 -24.68 -49.65 4.38
N MET B 145 -25.80 -49.01 4.08
CA MET B 145 -26.56 -48.26 5.08
C MET B 145 -25.65 -47.30 5.84
N ILE B 186 -5.86 -33.11 28.37
CA ILE B 186 -4.85 -32.19 27.84
C ILE B 186 -4.92 -32.15 26.32
N VAL B 187 -5.70 -33.06 25.74
CA VAL B 187 -5.97 -33.05 24.30
C VAL B 187 -7.39 -32.59 23.99
N ASN B 188 -8.36 -32.91 24.85
CA ASN B 188 -9.74 -32.48 24.62
C ASN B 188 -9.82 -30.98 24.45
N GLN B 189 -8.96 -30.23 25.14
CA GLN B 189 -8.99 -28.77 25.04
C GLN B 189 -8.80 -28.31 23.59
N ALA B 190 -7.63 -28.64 23.02
CA ALA B 190 -7.35 -28.21 21.64
C ALA B 190 -8.31 -28.87 20.65
N LEU B 191 -8.70 -30.12 20.92
CA LEU B 191 -9.68 -30.77 20.07
C LEU B 191 -10.97 -29.95 19.98
N SER B 192 -11.51 -29.57 21.14
CA SER B 192 -12.76 -28.80 21.15
C SER B 192 -12.55 -27.40 20.59
N ALA B 193 -11.36 -26.82 20.80
CA ALA B 193 -11.07 -25.51 20.22
C ALA B 193 -11.15 -25.54 18.71
N ALA B 194 -10.43 -26.48 18.09
CA ALA B 194 -10.47 -26.60 16.63
C ALA B 194 -11.89 -26.92 16.17
N ASN B 195 -12.57 -27.82 16.87
CA ASN B 195 -13.94 -28.17 16.49
C ASN B 195 -14.85 -26.95 16.55
N VAL B 196 -14.61 -26.08 17.53
CA VAL B 196 -15.41 -24.87 17.71
C VAL B 196 -15.19 -23.91 16.55
N ALA B 197 -13.93 -23.59 16.29
CA ALA B 197 -13.62 -22.69 15.18
C ALA B 197 -14.20 -23.23 13.88
N LEU B 198 -14.17 -24.56 13.71
CA LEU B 198 -14.67 -25.16 12.48
C LEU B 198 -16.19 -25.05 12.40
N TYR B 199 -16.88 -25.35 13.50
CA TYR B 199 -18.33 -25.19 13.53
C TYR B 199 -18.73 -23.77 13.16
N GLY B 200 -18.04 -22.78 13.73
CA GLY B 200 -18.40 -21.39 13.47
C GLY B 200 -18.14 -21.00 12.02
N LEU B 201 -16.99 -21.40 11.50
CA LEU B 201 -16.69 -21.09 10.11
C LEU B 201 -17.67 -21.76 9.17
N VAL B 202 -18.09 -22.99 9.50
CA VAL B 202 -19.10 -23.68 8.71
C VAL B 202 -20.41 -22.92 8.73
N HIS B 203 -20.84 -22.48 9.92
CA HIS B 203 -22.06 -21.69 10.03
C HIS B 203 -21.98 -20.47 9.12
N SER B 204 -20.87 -19.74 9.18
CA SER B 204 -20.70 -18.56 8.35
C SER B 204 -20.83 -18.91 6.87
N ILE B 205 -20.08 -19.92 6.42
CA ILE B 205 -20.11 -20.29 5.00
C ILE B 205 -21.53 -20.63 4.59
N VAL B 206 -22.18 -21.53 5.35
CA VAL B 206 -23.53 -21.96 5.04
C VAL B 206 -24.45 -20.75 4.86
N ILE B 207 -24.54 -19.90 5.88
CA ILE B 207 -25.46 -18.77 5.78
C ILE B 207 -25.07 -17.81 4.66
N ALA B 208 -23.81 -17.81 4.25
CA ALA B 208 -23.33 -16.88 3.23
C ALA B 208 -23.84 -17.21 1.83
N LEU B 209 -24.66 -18.23 1.67
CA LEU B 209 -25.11 -18.69 0.36
C LEU B 209 -26.62 -18.74 0.24
N GLY B 210 -27.34 -18.98 1.34
CA GLY B 210 -28.78 -19.10 1.30
C GLY B 210 -29.26 -20.41 1.89
N ALA B 211 -28.31 -21.23 2.32
CA ALA B 211 -28.58 -22.58 2.76
C ALA B 211 -29.10 -22.57 4.20
N SER B 212 -29.57 -23.73 4.64
CA SER B 212 -30.15 -23.86 5.97
C SER B 212 -29.42 -24.93 6.78
N PRO B 213 -29.15 -24.67 8.06
CA PRO B 213 -28.51 -25.71 8.89
C PRO B 213 -29.48 -26.76 9.40
N GLY B 214 -30.78 -26.55 9.17
CA GLY B 214 -31.79 -27.42 9.75
C GLY B 214 -32.05 -28.68 8.96
N LEU B 215 -31.75 -28.68 7.66
CA LEU B 215 -32.03 -29.81 6.79
C LEU B 215 -30.84 -30.77 6.75
N GLY B 216 -30.77 -31.62 7.77
CA GLY B 216 -29.66 -32.54 7.93
C GLY B 216 -29.91 -33.93 7.39
N PHE B 217 -29.13 -34.34 6.39
CA PHE B 217 -29.24 -35.69 5.85
C PHE B 217 -28.97 -36.74 6.92
N VAL B 218 -27.94 -36.53 7.74
CA VAL B 218 -27.66 -37.35 8.90
C VAL B 218 -27.44 -36.41 10.09
N HIS B 219 -27.31 -37.00 11.28
CA HIS B 219 -27.34 -36.26 12.54
C HIS B 219 -28.67 -35.54 12.76
N THR B 220 -29.69 -35.89 11.98
CA THR B 220 -30.96 -35.18 12.02
C THR B 220 -31.61 -35.33 13.39
N GLY B 221 -32.60 -34.47 13.65
CA GLY B 221 -33.27 -34.41 14.93
C GLY B 221 -32.97 -33.12 15.67
N HIS B 222 -32.43 -32.14 14.95
CA HIS B 222 -32.05 -30.85 15.50
C HIS B 222 -32.09 -29.83 14.38
N ASP B 223 -31.66 -28.60 14.68
CA ASP B 223 -31.57 -27.55 13.69
C ASP B 223 -30.16 -27.27 13.21
N LEU B 224 -29.15 -27.78 13.91
CA LEU B 224 -27.76 -27.65 13.49
C LEU B 224 -27.21 -28.93 12.89
N SER B 225 -28.06 -29.71 12.21
CA SER B 225 -27.64 -31.03 11.74
C SER B 225 -26.77 -30.93 10.48
N PHE B 226 -27.16 -30.07 9.54
CA PHE B 226 -26.41 -29.92 8.30
C PHE B 226 -24.95 -29.57 8.57
N ILE B 227 -24.72 -28.61 9.48
CA ILE B 227 -23.35 -28.18 9.72
C ILE B 227 -22.59 -29.23 10.50
N TYR B 228 -23.25 -29.95 11.41
CA TYR B 228 -22.63 -31.12 12.01
C TYR B 228 -22.13 -32.08 10.95
N ASP B 229 -22.98 -32.39 9.98
CA ASP B 229 -22.59 -33.28 8.89
C ASP B 229 -21.39 -32.74 8.15
N ILE B 230 -21.45 -31.50 7.68
CA ILE B 230 -20.37 -30.93 6.90
C ILE B 230 -19.07 -30.89 7.71
N ALA B 231 -19.18 -30.67 9.01
CA ALA B 231 -17.98 -30.61 9.84
C ALA B 231 -17.38 -31.98 10.06
N ASP B 232 -18.21 -33.03 10.05
CA ASP B 232 -17.68 -34.37 10.20
C ASP B 232 -16.64 -34.70 9.13
N LEU B 233 -16.71 -34.06 7.97
CA LEU B 233 -15.75 -34.35 6.91
C LEU B 233 -14.33 -34.01 7.33
N TYR B 234 -14.06 -32.74 7.62
CA TYR B 234 -12.71 -32.24 7.81
C TYR B 234 -12.20 -32.36 9.25
N LYS B 235 -12.99 -32.96 10.14
CA LYS B 235 -12.55 -33.07 11.53
C LYS B 235 -11.28 -33.92 11.64
N ALA B 236 -11.37 -35.19 11.24
CA ALA B 236 -10.25 -36.11 11.42
C ALA B 236 -8.98 -35.60 10.78
N GLU B 237 -9.05 -35.17 9.51
CA GLU B 237 -7.86 -34.71 8.81
C GLU B 237 -7.15 -33.58 9.54
N LEU B 238 -7.91 -32.72 10.24
CA LEU B 238 -7.36 -31.51 10.83
C LEU B 238 -7.33 -31.52 12.35
N THR B 239 -8.43 -31.93 13.00
CA THR B 239 -8.56 -31.76 14.44
C THR B 239 -7.49 -32.52 15.21
N ILE B 240 -7.42 -33.83 15.02
CA ILE B 240 -6.71 -34.71 15.95
C ILE B 240 -5.20 -34.60 15.80
N PRO B 241 -4.65 -34.56 14.58
CA PRO B 241 -3.18 -34.46 14.45
C PRO B 241 -2.61 -33.32 15.28
N LEU B 242 -3.10 -32.10 14.99
CA LEU B 242 -2.68 -30.96 15.79
C LEU B 242 -3.08 -31.11 17.25
N ALA B 243 -4.21 -31.77 17.50
CA ALA B 243 -4.63 -32.00 18.88
C ALA B 243 -3.57 -32.75 19.66
N PHE B 244 -3.00 -33.80 19.06
CA PHE B 244 -1.93 -34.55 19.71
C PHE B 244 -0.65 -33.72 19.79
N GLU B 245 -0.26 -33.11 18.67
CA GLU B 245 0.93 -32.27 18.67
C GLU B 245 0.90 -31.24 19.78
N ILE B 246 -0.29 -30.79 20.18
CA ILE B 246 -0.42 -29.84 21.28
C ILE B 246 -0.48 -30.56 22.62
N ALA B 247 -1.33 -31.58 22.74
CA ALA B 247 -1.44 -32.34 23.98
C ALA B 247 -0.10 -32.85 24.46
N ALA B 248 0.88 -32.95 23.57
CA ALA B 248 2.25 -33.24 23.97
C ALA B 248 2.97 -32.01 24.52
N ASN B 249 2.24 -30.95 24.87
CA ASN B 249 2.85 -29.71 25.31
C ASN B 249 3.64 -29.90 26.60
N PHE B 250 4.35 -28.84 26.99
CA PHE B 250 5.11 -28.80 28.23
C PHE B 250 4.96 -27.46 28.95
N THR B 251 4.07 -26.59 28.47
CA THR B 251 3.91 -25.26 29.03
C THR B 251 2.46 -25.02 29.45
N LYS B 258 -5.02 -22.26 23.41
CA LYS B 258 -4.40 -21.01 22.94
C LYS B 258 -3.59 -21.26 21.68
N ILE B 259 -2.47 -21.96 21.83
CA ILE B 259 -1.64 -22.29 20.67
C ILE B 259 -2.46 -22.96 19.59
N ALA B 260 -3.48 -23.72 19.99
CA ALA B 260 -4.39 -24.33 19.04
C ALA B 260 -4.91 -23.33 18.03
N ARG B 261 -5.07 -22.07 18.45
CA ARG B 261 -5.63 -21.06 17.55
C ARG B 261 -4.65 -20.73 16.43
N GLN B 262 -3.40 -20.43 16.78
CA GLN B 262 -2.38 -20.25 15.75
C GLN B 262 -2.32 -21.47 14.84
N LYS B 263 -2.36 -22.66 15.43
CA LYS B 263 -2.22 -23.88 14.64
C LYS B 263 -3.34 -24.02 13.62
N VAL B 264 -4.59 -23.92 14.08
CA VAL B 264 -5.72 -24.07 13.18
C VAL B 264 -5.75 -22.94 12.15
N ARG B 265 -5.32 -21.74 12.55
CA ARG B 265 -5.31 -20.63 11.60
C ARG B 265 -4.34 -20.90 10.46
N ASP B 266 -3.11 -21.28 10.79
CA ASP B 266 -2.15 -21.63 9.75
C ASP B 266 -2.64 -22.81 8.92
N SER B 267 -3.24 -23.81 9.57
CA SER B 267 -3.83 -24.93 8.85
C SER B 267 -4.79 -24.46 7.77
N PHE B 268 -5.77 -23.64 8.15
CA PHE B 268 -6.75 -23.17 7.17
C PHE B 268 -6.08 -22.34 6.08
N VAL B 269 -5.11 -21.51 6.47
CA VAL B 269 -4.44 -20.65 5.51
C VAL B 269 -3.75 -21.49 4.45
N ASP B 270 -3.13 -22.59 4.85
CA ASP B 270 -2.46 -23.47 3.90
C ASP B 270 -3.44 -24.34 3.12
N GLY B 271 -4.60 -24.67 3.70
CA GLY B 271 -5.51 -25.61 3.08
C GLY B 271 -6.55 -25.02 2.16
N LYS B 272 -6.80 -23.71 2.25
CA LYS B 272 -7.80 -23.06 1.41
C LYS B 272 -9.21 -23.52 1.74
N LEU B 273 -9.45 -23.77 3.03
CA LEU B 273 -10.66 -24.40 3.51
C LEU B 273 -11.92 -23.72 3.00
N ILE B 274 -11.88 -22.40 2.83
CA ILE B 274 -13.07 -21.68 2.39
C ILE B 274 -13.53 -22.20 1.04
N VAL B 275 -12.68 -22.07 0.01
CA VAL B 275 -13.09 -22.49 -1.31
C VAL B 275 -13.22 -24.01 -1.37
N ARG B 276 -12.45 -24.73 -0.56
CA ARG B 276 -12.67 -26.18 -0.46
C ARG B 276 -14.13 -26.48 -0.15
N ILE B 277 -14.63 -25.93 0.95
CA ILE B 277 -16.00 -26.23 1.39
C ILE B 277 -17.01 -25.66 0.39
N VAL B 278 -16.73 -24.49 -0.17
CA VAL B 278 -17.64 -23.89 -1.13
C VAL B 278 -17.83 -24.82 -2.32
N GLN B 279 -16.73 -25.31 -2.88
CA GLN B 279 -16.80 -26.16 -4.06
C GLN B 279 -17.42 -27.52 -3.71
N ASP B 280 -17.07 -28.06 -2.54
CA ASP B 280 -17.70 -29.30 -2.08
C ASP B 280 -19.21 -29.17 -2.06
N ILE B 281 -19.73 -28.10 -1.44
CA ILE B 281 -21.18 -27.94 -1.37
C ILE B 281 -21.77 -27.72 -2.76
N GLN B 282 -21.12 -26.87 -3.58
CA GLN B 282 -21.59 -26.66 -4.95
C GLN B 282 -21.79 -27.98 -5.67
N TYR B 283 -20.72 -28.76 -5.80
CA TYR B 283 -20.75 -29.98 -6.60
C TYR B 283 -21.37 -31.15 -5.85
N LEU B 284 -21.77 -30.95 -4.59
CA LEU B 284 -22.55 -31.94 -3.87
C LEU B 284 -24.04 -31.69 -4.00
N PHE B 285 -24.46 -30.46 -4.29
CA PHE B 285 -25.85 -30.17 -4.62
C PHE B 285 -26.10 -30.03 -6.10
N ASP B 286 -25.06 -30.06 -6.93
CA ASP B 286 -25.25 -29.98 -8.38
C ASP B 286 -25.06 -31.36 -9.01
N VAL C 27 46.38 26.18 -20.93
CA VAL C 27 45.00 26.59 -20.71
C VAL C 27 44.87 27.41 -19.45
N SER C 28 43.66 27.83 -19.14
CA SER C 28 43.38 28.67 -17.99
C SER C 28 42.35 27.97 -17.11
N PHE C 29 42.60 27.98 -15.80
CA PHE C 29 41.63 27.52 -14.83
C PHE C 29 41.11 28.71 -14.03
N ILE C 30 39.96 28.51 -13.39
CA ILE C 30 39.23 29.60 -12.77
C ILE C 30 38.43 29.03 -11.61
N TYR C 31 38.09 29.89 -10.65
CA TYR C 31 37.33 29.51 -9.48
C TYR C 31 36.29 30.58 -9.20
N VAL C 32 35.06 30.14 -8.96
CA VAL C 32 33.95 31.04 -8.70
C VAL C 32 33.25 30.60 -7.43
N GLU C 33 32.81 31.56 -6.64
CA GLU C 33 32.05 31.29 -5.44
C GLU C 33 31.30 32.55 -5.05
N HIS C 34 30.27 32.36 -4.22
CA HIS C 34 29.43 33.44 -3.74
C HIS C 34 29.06 34.39 -4.89
N ALA C 35 28.40 33.84 -5.90
CA ALA C 35 28.07 34.63 -7.09
C ALA C 35 26.82 34.07 -7.76
N LYS C 36 26.39 34.75 -8.82
CA LYS C 36 25.18 34.42 -9.57
C LYS C 36 25.47 34.65 -11.05
N ILE C 37 25.65 33.57 -11.79
CA ILE C 37 26.02 33.68 -13.20
C ILE C 37 24.79 33.90 -14.05
N ASN C 38 25.01 34.51 -15.21
CA ASN C 38 24.03 34.67 -16.27
C ASN C 38 24.79 34.93 -17.57
N ARG C 39 24.08 35.25 -18.64
CA ARG C 39 24.70 35.30 -19.96
C ARG C 39 24.36 36.60 -20.68
N VAL C 40 25.30 37.01 -21.54
CA VAL C 40 25.14 38.11 -22.47
C VAL C 40 25.40 37.48 -23.83
N ASP C 41 25.35 38.28 -24.91
CA ASP C 41 25.36 37.71 -26.26
C ASP C 41 26.32 36.54 -26.40
N SER C 42 27.61 36.76 -26.13
CA SER C 42 28.62 35.71 -26.23
C SER C 42 29.62 35.85 -25.08
N ALA C 43 29.13 36.12 -23.87
CA ALA C 43 30.01 36.37 -22.73
C ALA C 43 29.28 35.95 -21.47
N ILE C 44 30.01 35.98 -20.35
CA ILE C 44 29.50 35.59 -19.04
C ILE C 44 29.38 36.84 -18.19
N THR C 45 28.59 36.73 -17.11
CA THR C 45 28.45 37.78 -16.13
C THR C 45 28.37 37.16 -14.75
N VAL C 46 29.19 37.65 -13.82
CA VAL C 46 29.34 37.07 -12.49
C VAL C 46 29.02 38.18 -11.49
N LEU C 47 27.76 38.22 -11.04
CA LEU C 47 27.34 39.17 -10.04
C LEU C 47 27.77 38.72 -8.65
N ASP C 48 28.15 39.69 -7.82
CA ASP C 48 28.64 39.42 -6.48
C ASP C 48 28.45 40.67 -5.62
N SER C 49 29.05 40.66 -4.43
CA SER C 49 28.97 41.82 -3.55
C SER C 49 29.84 42.96 -4.07
N ARG C 50 31.12 42.69 -4.32
CA ARG C 50 32.00 43.69 -4.89
C ARG C 50 31.36 44.33 -6.12
N GLY C 51 30.90 43.51 -7.05
CA GLY C 51 30.27 44.03 -8.25
C GLY C 51 30.07 42.93 -9.26
N THR C 52 30.04 43.34 -10.53
CA THR C 52 29.85 42.43 -11.64
C THR C 52 31.14 42.32 -12.45
N VAL C 53 31.18 41.32 -13.33
CA VAL C 53 32.33 41.06 -14.19
C VAL C 53 31.81 40.62 -15.55
N ARG C 54 32.72 40.51 -16.52
CA ARG C 54 32.38 39.98 -17.84
C ARG C 54 33.58 39.24 -18.38
N ILE C 55 33.31 38.11 -19.02
CA ILE C 55 34.37 37.20 -19.48
C ILE C 55 33.91 36.47 -20.73
N PRO C 56 34.33 36.88 -21.93
CA PRO C 56 34.05 36.07 -23.11
C PRO C 56 34.59 34.65 -22.95
N ALA C 57 33.73 33.68 -23.30
CA ALA C 57 33.97 32.31 -22.88
C ALA C 57 35.23 31.72 -23.49
N ALA C 58 35.79 32.33 -24.52
CA ALA C 58 37.04 31.83 -25.07
C ALA C 58 38.23 32.38 -24.29
N MET C 59 38.13 32.35 -22.97
CA MET C 59 39.25 32.68 -22.10
C MET C 59 39.27 31.84 -20.82
N ILE C 60 38.36 30.89 -20.67
CA ILE C 60 38.07 30.31 -19.36
C ILE C 60 38.75 28.95 -19.21
N GLY C 61 38.45 28.01 -20.11
CA GLY C 61 39.03 26.69 -20.01
C GLY C 61 38.24 25.77 -19.12
N VAL C 62 38.66 25.64 -17.87
CA VAL C 62 37.90 24.95 -16.85
C VAL C 62 37.18 26.00 -16.00
N LEU C 63 36.10 25.59 -15.35
CA LEU C 63 35.27 26.50 -14.55
C LEU C 63 34.90 25.75 -13.28
N LEU C 64 35.70 25.95 -12.23
CA LEU C 64 35.48 25.30 -10.95
C LEU C 64 34.47 26.13 -10.16
N LEU C 65 33.21 25.72 -10.21
CA LEU C 65 32.15 26.41 -9.49
C LEU C 65 32.32 26.17 -7.99
N GLY C 66 31.40 26.66 -7.19
CA GLY C 66 31.53 26.60 -5.76
C GLY C 66 30.30 27.07 -5.04
N PRO C 67 30.32 26.93 -3.71
CA PRO C 67 29.14 27.25 -2.90
C PRO C 67 28.54 28.61 -3.21
N GLY C 68 27.25 28.77 -2.94
CA GLY C 68 26.56 30.00 -3.24
C GLY C 68 26.69 30.38 -4.69
N THR C 69 26.11 29.57 -5.57
CA THR C 69 26.20 29.81 -7.00
C THR C 69 24.95 29.26 -7.66
N ASP C 70 24.27 30.09 -8.43
CA ASP C 70 23.08 29.70 -9.16
C ASP C 70 23.35 29.97 -10.63
N ILE C 71 23.83 28.97 -11.31
CA ILE C 71 24.12 29.06 -12.73
C ILE C 71 22.82 28.90 -13.51
N SER C 72 22.73 29.60 -14.61
CA SER C 72 21.51 29.65 -15.42
C SER C 72 21.56 28.60 -16.52
N HIS C 73 20.47 28.52 -17.27
CA HIS C 73 20.41 27.60 -18.40
C HIS C 73 20.95 28.26 -19.66
N ARG C 74 20.50 29.49 -19.93
CA ARG C 74 20.93 30.19 -21.13
C ARG C 74 22.44 30.35 -21.19
N ALA C 75 23.11 30.29 -20.04
CA ALA C 75 24.57 30.32 -20.03
C ALA C 75 25.15 28.98 -20.45
N VAL C 76 24.80 27.92 -19.72
CA VAL C 76 25.33 26.58 -19.95
C VAL C 76 25.35 26.26 -21.43
N GLU C 77 24.24 26.52 -22.14
CA GLU C 77 24.20 26.23 -23.55
C GLU C 77 25.25 27.01 -24.34
N LEU C 78 25.94 27.97 -23.71
CA LEU C 78 27.12 28.58 -24.32
C LEU C 78 28.36 27.76 -24.01
N ILE C 79 28.62 27.52 -22.73
CA ILE C 79 29.76 26.71 -22.31
C ILE C 79 29.85 25.45 -23.17
N GLY C 80 28.76 24.70 -23.26
CA GLY C 80 28.73 23.51 -24.07
C GLY C 80 29.17 23.74 -25.50
N ASP C 81 28.92 24.95 -26.01
CA ASP C 81 29.25 25.32 -27.38
C ASP C 81 30.64 25.94 -27.49
N THR C 82 31.49 25.74 -26.49
CA THR C 82 32.86 26.23 -26.56
C THR C 82 33.87 25.21 -26.01
N GLY C 83 33.45 23.98 -25.76
CA GLY C 83 34.37 23.00 -25.21
C GLY C 83 34.78 23.26 -23.79
N THR C 84 34.22 24.28 -23.15
CA THR C 84 34.57 24.58 -21.77
C THR C 84 34.04 23.50 -20.85
N SER C 85 34.75 23.28 -19.76
CA SER C 85 34.39 22.29 -18.77
C SER C 85 33.70 22.97 -17.59
N MET C 86 33.30 22.15 -16.61
CA MET C 86 32.68 22.67 -15.40
C MET C 86 32.60 21.56 -14.35
N VAL C 87 32.98 21.88 -13.12
CA VAL C 87 33.08 20.89 -12.07
C VAL C 87 32.55 21.47 -10.77
N TRP C 88 31.33 21.07 -10.39
CA TRP C 88 30.77 21.53 -9.12
C TRP C 88 31.59 20.98 -7.96
N VAL C 89 32.37 21.84 -7.31
CA VAL C 89 33.27 21.44 -6.23
C VAL C 89 32.86 22.10 -4.92
N GLY C 90 33.60 21.74 -3.86
CA GLY C 90 33.44 22.36 -2.56
C GLY C 90 34.23 23.64 -2.43
N GLU C 91 34.99 23.76 -1.35
CA GLU C 91 35.74 24.97 -1.04
C GLU C 91 37.20 24.76 -1.44
N ARG C 92 37.55 25.21 -2.64
CA ARG C 92 38.90 25.05 -3.18
C ARG C 92 39.21 23.56 -3.40
N GLY C 93 38.32 22.92 -4.14
CA GLY C 93 38.53 21.56 -4.58
C GLY C 93 38.72 20.52 -3.50
N VAL C 94 38.23 20.78 -2.28
CA VAL C 94 38.29 19.78 -1.24
C VAL C 94 37.26 18.69 -1.43
N ARG C 95 36.43 18.78 -2.48
CA ARG C 95 35.37 17.83 -2.74
C ARG C 95 34.96 17.95 -4.20
N GLN C 96 34.39 16.86 -4.71
CA GLN C 96 33.84 16.82 -6.06
C GLN C 96 32.44 16.28 -5.98
N TYR C 97 31.49 16.99 -6.58
CA TYR C 97 30.07 16.71 -6.41
C TYR C 97 29.36 16.34 -7.70
N ALA C 98 29.84 16.82 -8.84
CA ALA C 98 29.30 16.47 -10.14
C ALA C 98 30.33 16.85 -11.19
N HIS C 99 29.94 16.75 -12.45
CA HIS C 99 30.78 17.21 -13.55
C HIS C 99 30.04 17.02 -14.86
N GLY C 100 30.53 17.71 -15.88
CA GLY C 100 29.97 17.65 -17.20
C GLY C 100 30.93 17.08 -18.21
N ARG C 101 30.83 17.55 -19.46
CA ARG C 101 31.69 17.05 -20.51
C ARG C 101 33.10 17.61 -20.36
N SER C 102 34.08 16.77 -20.65
CA SER C 102 35.47 17.08 -20.35
C SER C 102 36.00 18.16 -21.29
N LEU C 103 37.28 18.48 -21.10
CA LEU C 103 37.89 19.62 -21.80
C LEU C 103 37.91 19.38 -23.31
N ALA C 104 37.25 20.26 -24.04
CA ALA C 104 37.25 20.26 -25.50
C ALA C 104 36.64 19.00 -26.10
N HIS C 105 36.00 18.17 -25.29
CA HIS C 105 35.39 16.93 -25.77
C HIS C 105 36.43 16.04 -26.43
N SER C 106 37.39 15.58 -25.63
CA SER C 106 38.50 14.78 -26.10
C SER C 106 38.67 13.56 -25.21
N THR C 107 39.46 12.59 -25.70
CA THR C 107 39.67 11.34 -24.99
C THR C 107 41.10 10.85 -25.04
N LYS C 108 42.05 11.64 -25.54
CA LYS C 108 43.43 11.22 -25.65
C LYS C 108 43.89 10.47 -24.41
N PHE C 109 43.76 11.12 -23.25
CA PHE C 109 44.19 10.49 -22.00
C PHE C 109 43.48 9.17 -21.78
N LEU C 110 42.19 9.12 -22.10
CA LEU C 110 41.39 7.94 -21.81
C LEU C 110 41.87 6.73 -22.60
N GLU C 111 41.94 6.87 -23.92
CA GLU C 111 42.33 5.73 -24.75
C GLU C 111 43.79 5.38 -24.55
N LYS C 112 44.67 6.37 -24.38
CA LYS C 112 46.07 6.04 -24.13
C LYS C 112 46.28 5.51 -22.72
N GLN C 113 45.28 5.63 -21.85
CA GLN C 113 45.33 4.97 -20.56
C GLN C 113 44.83 3.54 -20.68
N ALA C 114 43.79 3.33 -21.47
CA ALA C 114 43.24 2.00 -21.66
C ALA C 114 44.26 1.09 -22.34
N LYS C 115 44.93 1.60 -23.38
CA LYS C 115 46.02 0.84 -23.99
C LYS C 115 47.05 0.42 -22.95
N LEU C 116 47.65 1.39 -22.27
CA LEU C 116 48.74 1.10 -21.35
C LEU C 116 48.34 0.14 -20.24
N VAL C 117 47.07 0.17 -19.80
CA VAL C 117 46.66 -0.74 -18.73
C VAL C 117 46.21 -2.09 -19.24
N SER C 118 45.74 -2.19 -20.48
CA SER C 118 45.29 -3.47 -21.01
C SER C 118 46.46 -4.41 -21.24
N ASN C 119 47.38 -4.02 -22.12
CA ASN C 119 48.57 -4.82 -22.38
C ASN C 119 49.43 -4.87 -21.11
N SER C 120 49.78 -6.09 -20.68
CA SER C 120 50.48 -6.27 -19.42
C SER C 120 51.98 -6.07 -19.54
N ARG C 121 52.49 -5.69 -20.71
CA ARG C 121 53.90 -5.36 -20.87
C ARG C 121 54.16 -3.89 -20.61
N LEU C 122 53.22 -3.02 -20.98
CA LEU C 122 53.29 -1.60 -20.73
C LEU C 122 52.87 -1.24 -19.30
N ARG C 123 51.97 -2.00 -18.69
CA ARG C 123 51.46 -1.74 -17.35
C ARG C 123 52.55 -1.75 -16.28
N LEU C 124 53.76 -2.19 -16.59
CA LEU C 124 54.88 -2.12 -15.65
C LEU C 124 55.83 -0.98 -15.95
N ALA C 125 56.01 -0.66 -17.24
CA ALA C 125 56.74 0.51 -17.68
C ALA C 125 56.16 1.81 -17.14
N VAL C 126 54.97 1.78 -16.55
CA VAL C 126 54.31 2.97 -16.03
C VAL C 126 54.00 2.75 -14.55
N ALA C 127 54.45 1.62 -14.01
CA ALA C 127 54.37 1.36 -12.58
C ALA C 127 55.72 1.49 -11.89
N ARG C 128 56.73 0.74 -12.34
CA ARG C 128 58.07 0.97 -11.83
C ARG C 128 58.62 2.31 -12.30
N LYS C 129 57.93 2.98 -13.22
CA LYS C 129 58.26 4.33 -13.62
C LYS C 129 57.72 5.37 -12.65
N MET C 130 56.52 5.13 -12.10
CA MET C 130 55.98 6.04 -11.10
C MET C 130 56.56 5.78 -9.71
N TYR C 131 56.95 4.54 -9.41
CA TYR C 131 57.66 4.28 -8.16
C TYR C 131 59.05 4.89 -8.14
N GLN C 132 59.54 5.39 -9.27
CA GLN C 132 60.85 6.01 -9.36
C GLN C 132 60.81 7.49 -8.98
N MET C 133 59.80 8.22 -9.49
CA MET C 133 59.75 9.66 -9.27
C MET C 133 59.63 10.02 -7.80
N ARG C 134 59.23 9.07 -6.95
CA ARG C 134 59.18 9.30 -5.52
C ARG C 134 60.37 8.73 -4.77
N PHE C 135 61.25 7.98 -5.45
CA PHE C 135 62.58 7.65 -4.94
C PHE C 135 63.60 8.31 -5.84
N PRO C 136 64.04 9.53 -5.57
CA PRO C 136 64.93 10.20 -6.53
C PRO C 136 66.33 9.61 -6.56
N ASP C 137 66.86 9.19 -5.42
CA ASP C 137 68.24 8.72 -5.37
C ASP C 137 68.39 7.36 -6.03
N GLU C 138 67.68 6.35 -5.53
CA GLU C 138 67.81 5.01 -6.08
C GLU C 138 67.27 4.97 -7.51
N ASP C 139 67.50 3.83 -8.16
CA ASP C 139 67.01 3.60 -9.52
C ASP C 139 66.47 2.18 -9.59
N VAL C 140 65.25 2.03 -10.10
CA VAL C 140 64.63 0.72 -10.21
C VAL C 140 63.91 0.61 -11.54
N SER C 141 64.53 -0.07 -12.50
CA SER C 141 63.89 -0.47 -13.75
C SER C 141 63.88 -1.96 -13.94
N ALA C 142 64.58 -2.71 -13.08
CA ALA C 142 64.56 -4.17 -13.14
C ALA C 142 63.60 -4.77 -12.11
N MET C 143 63.54 -4.18 -10.92
CA MET C 143 62.73 -4.76 -9.86
C MET C 143 61.27 -4.89 -10.31
N THR C 144 60.55 -5.77 -9.64
CA THR C 144 59.21 -6.19 -10.07
C THR C 144 58.17 -5.78 -9.04
N MET C 145 56.92 -6.11 -9.33
CA MET C 145 55.72 -5.68 -8.60
C MET C 145 55.68 -6.17 -7.15
N GLN C 146 56.52 -7.08 -6.67
CA GLN C 146 56.44 -7.57 -5.29
C GLN C 146 57.53 -7.01 -4.40
N GLN C 147 58.64 -6.57 -4.97
CA GLN C 147 59.70 -5.95 -4.17
C GLN C 147 59.41 -4.46 -3.97
N LEU C 148 58.93 -3.79 -5.02
CA LEU C 148 58.45 -2.42 -4.89
C LEU C 148 57.56 -2.29 -3.66
N ARG C 149 56.45 -3.04 -3.63
CA ARG C 149 55.55 -3.02 -2.48
C ARG C 149 56.29 -2.97 -1.15
N GLY C 150 57.24 -3.88 -0.96
CA GLY C 150 57.96 -3.96 0.31
C GLY C 150 58.92 -2.81 0.55
N ARG C 151 59.34 -2.12 -0.51
CA ARG C 151 60.19 -0.95 -0.33
C ARG C 151 59.37 0.31 -0.05
N GLU C 152 58.33 0.52 -0.84
CA GLU C 152 57.34 1.55 -0.57
C GLU C 152 56.88 1.51 0.89
N GLY C 153 56.41 0.35 1.34
CA GLY C 153 55.93 0.23 2.70
C GLY C 153 56.96 0.68 3.72
N ALA C 154 58.21 0.28 3.53
CA ALA C 154 59.27 0.62 4.48
C ALA C 154 59.54 2.12 4.46
N ARG C 155 59.65 2.72 3.28
CA ARG C 155 59.86 4.16 3.20
C ARG C 155 58.77 4.91 3.95
N VAL C 156 57.52 4.48 3.78
CA VAL C 156 56.41 5.19 4.41
C VAL C 156 56.47 5.00 5.93
N ARG C 157 56.70 3.77 6.38
CA ARG C 157 56.89 3.53 7.80
C ARG C 157 58.02 4.38 8.37
N ARG C 158 59.00 4.74 7.53
CA ARG C 158 60.11 5.54 8.00
C ARG C 158 59.75 7.00 8.10
N VAL C 159 59.12 7.55 7.07
CA VAL C 159 58.79 8.98 7.08
C VAL C 159 57.79 9.27 8.19
N TYR C 160 56.84 8.35 8.42
CA TYR C 160 55.88 8.55 9.50
C TYR C 160 56.59 8.72 10.84
N ARG C 161 57.45 7.76 11.18
CA ARG C 161 58.19 7.83 12.44
C ARG C 161 59.10 9.04 12.48
N LEU C 162 59.66 9.42 11.33
CA LEU C 162 60.48 10.62 11.26
C LEU C 162 59.71 11.84 11.74
N GLN C 163 58.59 12.14 11.08
CA GLN C 163 57.80 13.30 11.46
C GLN C 163 57.24 13.16 12.87
N SER C 164 56.97 11.92 13.30
CA SER C 164 56.52 11.70 14.67
C SER C 164 57.54 12.20 15.67
N GLU C 165 58.76 11.66 15.60
CA GLU C 165 59.81 12.09 16.53
C GLU C 165 60.17 13.55 16.32
N LYS C 166 59.90 14.09 15.13
CA LYS C 166 60.07 15.53 14.93
C LYS C 166 59.12 16.31 15.82
N TYR C 167 57.81 16.06 15.68
CA TYR C 167 56.79 16.78 16.43
C TYR C 167 56.54 16.18 17.81
N GLN C 168 57.45 15.37 18.31
CA GLN C 168 57.36 14.81 19.67
C GLN C 168 55.97 14.22 19.93
N VAL C 169 55.63 13.19 19.16
CA VAL C 169 54.35 12.52 19.27
C VAL C 169 54.57 11.02 19.35
N SER C 170 53.61 10.32 19.94
CA SER C 170 53.62 8.86 19.98
C SER C 170 52.95 8.33 18.72
N TRP C 171 53.53 7.28 18.13
CA TRP C 171 53.04 6.76 16.86
C TRP C 171 53.59 5.35 16.67
N THR C 172 52.70 4.42 16.33
CA THR C 172 53.06 3.03 16.11
C THR C 172 52.65 2.51 14.74
N LYS C 173 51.45 2.83 14.28
CA LYS C 173 50.98 2.38 12.97
C LYS C 173 49.67 3.10 12.67
N ARG C 174 49.07 2.75 11.53
CA ARG C 174 47.85 3.38 11.04
C ARG C 174 46.66 2.49 11.39
N GLU C 175 46.37 2.39 12.69
CA GLU C 175 45.22 1.62 13.18
C GLU C 175 44.01 2.54 13.25
N TYR C 176 42.87 2.05 12.76
CA TYR C 176 41.65 2.83 12.72
C TYR C 176 40.50 1.91 12.32
N ASN C 177 39.31 2.49 12.17
CA ASN C 177 38.13 1.80 11.72
C ASN C 177 37.35 2.81 10.88
N PRO C 178 36.83 2.43 9.71
CA PRO C 178 36.13 3.43 8.89
C PRO C 178 34.84 3.93 9.50
N ASP C 179 33.97 3.03 9.97
CA ASP C 179 32.71 3.45 10.56
C ASP C 179 32.92 4.30 11.80
N ASP C 180 33.54 3.71 12.84
CA ASP C 180 33.78 4.41 14.10
C ASP C 180 34.96 5.37 13.92
N PHE C 181 34.75 6.36 13.04
CA PHE C 181 35.76 7.40 12.85
C PHE C 181 36.14 8.04 14.18
N GLU C 182 35.15 8.43 14.97
CA GLU C 182 35.37 9.06 16.27
C GLU C 182 35.56 8.01 17.37
N GLY C 183 36.48 7.08 17.11
CA GLY C 183 36.79 6.04 18.07
C GLY C 183 38.25 5.69 18.12
N GLY C 184 39.12 6.63 17.77
CA GLY C 184 40.55 6.38 17.73
C GLY C 184 41.38 7.53 18.22
N ASP C 185 42.69 7.47 17.96
CA ASP C 185 43.58 8.55 18.36
C ASP C 185 43.23 9.83 17.63
N ILE C 186 43.95 10.90 17.95
CA ILE C 186 43.63 12.22 17.40
C ILE C 186 44.32 12.41 16.06
N VAL C 187 45.37 11.64 15.78
CA VAL C 187 46.16 11.86 14.56
C VAL C 187 45.49 11.20 13.36
N ASN C 188 45.18 9.90 13.49
CA ASN C 188 44.54 9.16 12.40
C ASN C 188 43.36 9.94 11.82
N GLN C 189 42.59 10.59 12.68
CA GLN C 189 41.44 11.37 12.23
C GLN C 189 41.85 12.33 11.13
N ALA C 190 42.80 13.22 11.44
CA ALA C 190 43.18 14.26 10.50
C ALA C 190 43.95 13.70 9.32
N LEU C 191 44.76 12.67 9.55
CA LEU C 191 45.42 11.98 8.44
C LEU C 191 44.38 11.58 7.40
N SER C 192 43.36 10.83 7.83
CA SER C 192 42.30 10.41 6.91
C SER C 192 41.62 11.61 6.25
N ALA C 193 41.25 12.62 7.04
CA ALA C 193 40.51 13.75 6.48
C ALA C 193 41.30 14.44 5.38
N ALA C 194 42.58 14.71 5.64
CA ALA C 194 43.40 15.41 4.66
C ALA C 194 43.62 14.55 3.42
N ASN C 195 43.89 13.26 3.61
CA ASN C 195 44.03 12.38 2.47
C ASN C 195 42.77 12.38 1.62
N VAL C 196 41.61 12.51 2.26
CA VAL C 196 40.35 12.50 1.54
C VAL C 196 40.17 13.78 0.73
N ALA C 197 40.51 14.93 1.32
CA ALA C 197 40.45 16.17 0.55
C ALA C 197 41.40 16.14 -0.64
N LEU C 198 42.57 15.53 -0.44
CA LEU C 198 43.50 15.35 -1.54
C LEU C 198 42.89 14.50 -2.65
N TYR C 199 42.33 13.34 -2.28
CA TYR C 199 41.58 12.54 -3.25
C TYR C 199 40.57 13.39 -3.99
N GLY C 200 39.90 14.29 -3.28
CA GLY C 200 38.87 15.10 -3.92
C GLY C 200 39.43 15.99 -5.00
N LEU C 201 40.48 16.73 -4.69
CA LEU C 201 41.07 17.62 -5.70
C LEU C 201 41.62 16.82 -6.87
N VAL C 202 42.27 15.70 -6.59
CA VAL C 202 42.82 14.87 -7.66
C VAL C 202 41.71 14.39 -8.58
N HIS C 203 40.66 13.81 -8.00
CA HIS C 203 39.48 13.44 -8.77
C HIS C 203 39.03 14.58 -9.66
N SER C 204 38.89 15.78 -9.09
CA SER C 204 38.40 16.92 -9.84
C SER C 204 39.25 17.17 -11.08
N ILE C 205 40.56 17.32 -10.90
CA ILE C 205 41.42 17.68 -12.03
C ILE C 205 41.44 16.55 -13.05
N VAL C 206 41.61 15.32 -12.57
CA VAL C 206 41.62 14.15 -13.46
C VAL C 206 40.39 14.16 -14.36
N ILE C 207 39.20 14.19 -13.75
CA ILE C 207 37.97 14.16 -14.56
C ILE C 207 37.89 15.38 -15.46
N ALA C 208 38.49 16.50 -15.05
CA ALA C 208 38.45 17.68 -15.91
C ALA C 208 39.33 17.52 -17.13
N LEU C 209 40.34 16.64 -17.04
CA LEU C 209 41.22 16.42 -18.19
C LEU C 209 40.58 15.48 -19.20
N GLY C 210 40.10 14.32 -18.75
CA GLY C 210 39.49 13.35 -19.63
C GLY C 210 39.88 11.92 -19.33
N ALA C 211 40.70 11.73 -18.30
CA ALA C 211 41.16 10.40 -17.94
C ALA C 211 40.04 9.68 -17.19
N SER C 212 40.37 8.51 -16.60
CA SER C 212 39.39 7.71 -15.88
C SER C 212 39.94 7.28 -14.53
N PRO C 213 39.12 7.25 -13.47
CA PRO C 213 39.62 6.83 -12.16
C PRO C 213 39.91 5.34 -12.01
N GLY C 214 39.06 4.48 -12.57
CA GLY C 214 39.13 3.06 -12.25
C GLY C 214 40.20 2.31 -13.00
N LEU C 215 40.62 2.81 -14.16
CA LEU C 215 41.63 2.15 -14.98
C LEU C 215 42.98 2.38 -14.32
N GLY C 216 43.20 1.69 -13.21
CA GLY C 216 44.39 1.87 -12.40
C GLY C 216 45.43 0.80 -12.65
N PHE C 217 46.67 1.12 -12.30
CA PHE C 217 47.82 0.27 -12.56
C PHE C 217 48.24 -0.53 -11.34
N VAL C 218 48.52 0.15 -10.23
CA VAL C 218 48.86 -0.51 -8.97
C VAL C 218 47.63 -0.86 -8.17
N HIS C 219 46.57 -0.06 -8.31
CA HIS C 219 45.33 -0.28 -7.58
C HIS C 219 44.28 -0.88 -8.50
N THR C 220 43.50 -1.80 -7.94
CA THR C 220 42.69 -2.72 -8.74
C THR C 220 41.25 -2.74 -8.25
N GLY C 221 40.33 -2.68 -9.20
CA GLY C 221 38.92 -2.89 -8.92
C GLY C 221 38.16 -1.64 -8.52
N HIS C 222 38.45 -1.13 -7.34
CA HIS C 222 37.69 0.00 -6.80
C HIS C 222 37.56 1.11 -7.83
N ASP C 223 36.47 1.86 -7.73
CA ASP C 223 36.14 2.88 -8.72
C ASP C 223 37.10 4.06 -8.71
N LEU C 224 37.94 4.17 -7.67
CA LEU C 224 38.77 5.35 -7.46
C LEU C 224 40.21 4.94 -7.21
N SER C 225 40.73 4.07 -8.09
CA SER C 225 42.04 3.48 -7.87
C SER C 225 43.17 4.36 -8.42
N PHE C 226 43.05 4.77 -9.68
CA PHE C 226 44.05 5.64 -10.27
C PHE C 226 44.32 6.85 -9.38
N ILE C 227 43.31 7.27 -8.63
CA ILE C 227 43.44 8.46 -7.82
C ILE C 227 44.24 8.17 -6.57
N TYR C 228 44.05 6.98 -5.99
CA TYR C 228 44.91 6.57 -4.88
C TYR C 228 46.35 6.48 -5.36
N ASP C 229 46.53 6.01 -6.59
CA ASP C 229 47.87 5.84 -7.13
C ASP C 229 48.57 7.19 -7.29
N ILE C 230 47.88 8.16 -7.87
CA ILE C 230 48.39 9.52 -7.94
C ILE C 230 48.70 10.04 -6.54
N ALA C 231 47.67 10.10 -5.69
CA ALA C 231 47.82 10.65 -4.35
C ALA C 231 49.07 10.13 -3.63
N ASP C 232 49.35 8.83 -3.77
CA ASP C 232 50.52 8.28 -3.09
C ASP C 232 51.81 9.01 -3.45
N LEU C 233 51.81 9.81 -4.52
CA LEU C 233 52.97 10.63 -4.83
C LEU C 233 53.07 11.82 -3.88
N TYR C 234 51.94 12.49 -3.63
CA TYR C 234 51.92 13.75 -2.89
C TYR C 234 51.72 13.58 -1.40
N LYS C 235 51.30 12.40 -0.94
CA LYS C 235 51.03 12.20 0.49
C LYS C 235 52.14 12.73 1.39
N ALA C 236 53.36 12.22 1.21
CA ALA C 236 54.41 12.34 2.22
C ALA C 236 55.16 13.67 2.17
N GLU C 237 54.59 14.71 1.55
CA GLU C 237 55.19 16.03 1.58
C GLU C 237 54.19 17.13 1.88
N LEU C 238 52.91 16.81 2.06
CA LEU C 238 51.87 17.82 2.20
C LEU C 238 50.96 17.54 3.39
N THR C 239 50.81 16.26 3.74
CA THR C 239 49.68 15.82 4.56
C THR C 239 50.05 15.37 5.96
N ILE C 240 51.12 14.59 6.13
CA ILE C 240 51.49 14.11 7.45
C ILE C 240 52.18 15.21 8.24
N PRO C 241 53.02 16.04 7.62
CA PRO C 241 53.49 17.25 8.30
C PRO C 241 52.36 18.17 8.69
N LEU C 242 51.16 17.90 8.18
CA LEU C 242 49.97 18.63 8.59
C LEU C 242 49.28 17.92 9.75
N ALA C 243 49.14 16.59 9.64
CA ALA C 243 48.43 15.82 10.63
C ALA C 243 49.13 15.85 11.98
N PHE C 244 50.45 15.75 11.99
CA PHE C 244 51.15 15.67 13.27
C PHE C 244 51.11 17.01 14.01
N GLU C 245 51.28 18.11 13.28
CA GLU C 245 51.04 19.42 13.87
C GLU C 245 49.61 19.52 14.42
N ILE C 246 48.63 19.22 13.56
CA ILE C 246 47.22 19.27 13.92
C ILE C 246 46.94 18.43 15.17
N ALA C 247 47.75 17.40 15.40
CA ALA C 247 47.54 16.54 16.56
C ALA C 247 48.26 17.05 17.79
N ALA C 248 49.43 17.66 17.63
CA ALA C 248 50.17 18.19 18.77
C ALA C 248 49.50 19.44 19.34
N ASN C 249 49.22 20.41 18.48
CA ASN C 249 48.68 21.69 18.93
C ASN C 249 47.18 21.68 19.17
N PHE C 250 46.55 20.51 19.27
CA PHE C 250 45.11 20.42 19.50
C PHE C 250 44.82 19.30 20.49
N THR C 251 43.57 19.23 20.93
CA THR C 251 43.12 18.32 21.97
C THR C 251 41.94 17.50 21.47
N GLU C 252 41.40 16.68 22.37
CA GLU C 252 40.30 15.78 22.00
C GLU C 252 38.98 16.54 21.89
N ILE C 253 38.80 17.59 22.67
CA ILE C 253 37.55 18.36 22.64
C ILE C 253 37.72 19.42 21.57
N ASP C 254 37.47 19.02 20.33
CA ASP C 254 37.60 19.88 19.16
C ASP C 254 36.84 19.23 18.01
N ASP C 255 37.00 19.80 16.81
CA ASP C 255 36.42 19.26 15.59
C ASP C 255 37.51 19.10 14.53
N ILE C 256 38.61 18.46 14.92
CA ILE C 256 39.82 18.31 14.13
C ILE C 256 39.48 17.95 12.68
N GLY C 257 38.44 17.12 12.50
CA GLY C 257 38.02 16.75 11.16
C GLY C 257 37.57 17.93 10.32
N LYS C 258 37.21 19.04 10.95
CA LYS C 258 36.89 20.26 10.23
C LYS C 258 38.11 21.11 9.93
N ILE C 259 39.05 21.20 10.86
CA ILE C 259 40.17 22.10 10.68
C ILE C 259 41.21 21.52 9.73
N ALA C 260 41.30 20.19 9.62
CA ALA C 260 42.17 19.61 8.60
C ALA C 260 41.73 20.03 7.21
N ARG C 261 40.43 19.84 6.91
CA ARG C 261 39.87 20.31 5.65
C ARG C 261 40.19 21.77 5.39
N GLN C 262 40.16 22.60 6.43
CA GLN C 262 40.36 24.03 6.23
C GLN C 262 41.84 24.34 5.98
N LYS C 263 42.73 23.65 6.67
CA LYS C 263 44.16 23.80 6.40
C LYS C 263 44.47 23.45 4.96
N VAL C 264 43.95 22.32 4.48
CA VAL C 264 44.23 21.93 3.11
C VAL C 264 43.55 22.90 2.14
N ARG C 265 42.40 23.45 2.51
CA ARG C 265 41.77 24.47 1.69
C ARG C 265 42.66 25.70 1.57
N ASP C 266 43.34 26.05 2.66
CA ASP C 266 44.22 27.21 2.65
C ASP C 266 45.49 26.93 1.88
N SER C 267 45.94 25.68 1.88
CA SER C 267 47.11 25.31 1.07
C SER C 267 46.77 25.29 -0.41
N PHE C 268 45.54 24.95 -0.77
CA PHE C 268 45.14 24.85 -2.18
C PHE C 268 44.80 26.19 -2.82
N VAL C 269 44.97 27.31 -2.11
CA VAL C 269 44.52 28.59 -2.64
C VAL C 269 45.38 29.02 -3.82
N ASP C 270 46.69 29.11 -3.62
CA ASP C 270 47.59 29.57 -4.67
C ASP C 270 47.39 28.75 -5.95
N GLY C 271 47.52 27.43 -5.85
CA GLY C 271 47.39 26.56 -7.00
C GLY C 271 48.72 25.94 -7.39
N LYS C 272 49.56 25.68 -6.40
CA LYS C 272 50.83 25.00 -6.61
C LYS C 272 50.70 23.49 -6.62
N LEU C 273 49.49 22.98 -6.81
CA LEU C 273 49.26 21.54 -6.93
C LEU C 273 48.35 21.20 -8.11
N ILE C 274 47.81 22.22 -8.79
CA ILE C 274 47.09 22.01 -10.04
C ILE C 274 48.02 22.07 -11.25
N VAL C 275 49.26 22.51 -11.07
CA VAL C 275 50.23 22.57 -12.16
C VAL C 275 51.20 21.41 -12.09
N ARG C 276 51.35 20.80 -10.90
CA ARG C 276 52.16 19.60 -10.78
C ARG C 276 51.42 18.37 -11.26
N ILE C 277 50.08 18.35 -11.13
CA ILE C 277 49.31 17.16 -11.47
C ILE C 277 49.26 16.97 -12.98
N VAL C 278 48.96 18.02 -13.72
CA VAL C 278 48.95 17.91 -15.18
C VAL C 278 50.26 17.35 -15.69
N GLN C 279 51.38 17.77 -15.10
CA GLN C 279 52.70 17.29 -15.51
C GLN C 279 52.95 15.85 -15.08
N ASP C 280 52.67 15.52 -13.82
CA ASP C 280 52.82 14.15 -13.36
C ASP C 280 51.89 13.19 -14.08
N ILE C 281 50.90 13.71 -14.80
CA ILE C 281 50.07 12.86 -15.65
C ILE C 281 50.67 12.74 -17.05
N GLN C 282 50.88 13.88 -17.71
CA GLN C 282 51.46 13.86 -19.04
C GLN C 282 52.86 13.24 -19.08
N TYR C 283 53.45 12.97 -17.91
CA TYR C 283 54.77 12.34 -17.87
C TYR C 283 54.69 10.82 -17.80
N LEU C 284 53.53 10.27 -17.41
CA LEU C 284 53.32 8.83 -17.44
C LEU C 284 52.91 8.35 -18.82
N PHE C 285 51.83 8.92 -19.35
CA PHE C 285 51.29 8.53 -20.65
C PHE C 285 52.23 8.87 -21.81
N ASP C 286 53.32 9.57 -21.55
CA ASP C 286 54.34 9.86 -22.55
C ASP C 286 53.82 10.74 -23.68
N LEU C 287 52.80 11.54 -23.42
CA LEU C 287 52.34 12.51 -24.42
C LEU C 287 53.41 13.58 -24.61
N ASP C 288 53.60 13.98 -25.86
CA ASP C 288 54.81 14.68 -26.27
C ASP C 288 54.85 16.08 -25.67
N ASP C 289 55.90 16.84 -26.02
CA ASP C 289 56.11 18.15 -25.44
C ASP C 289 55.33 19.22 -26.20
N ASP C 290 55.28 19.12 -27.52
CA ASP C 290 54.59 20.12 -28.32
C ASP C 290 53.10 20.16 -27.98
N GLU C 291 52.52 19.01 -27.65
CA GLU C 291 51.09 18.93 -27.39
C GLU C 291 50.74 19.09 -25.92
N GLU C 292 51.72 19.37 -25.06
CA GLU C 292 51.44 19.49 -23.63
C GLU C 292 50.43 20.60 -23.36
N LEU C 293 49.95 20.62 -22.13
CA LEU C 293 49.02 21.63 -21.64
C LEU C 293 49.77 22.58 -20.71
N LEU C 294 49.34 23.84 -20.72
CA LEU C 294 49.97 24.89 -19.93
C LEU C 294 48.91 25.45 -18.98
N VAL C 295 49.13 25.26 -17.69
CA VAL C 295 48.12 25.59 -16.69
C VAL C 295 48.32 27.02 -16.23
N ASP C 296 47.21 27.68 -15.87
CA ASP C 296 47.24 29.05 -15.38
C ASP C 296 46.11 29.21 -14.37
N THR C 297 46.44 29.14 -13.08
CA THR C 297 45.46 29.26 -12.00
C THR C 297 45.12 30.73 -11.83
N LEU C 298 44.17 31.21 -12.63
CA LEU C 298 43.72 32.58 -12.52
C LEU C 298 42.92 32.79 -11.24
N SER C 299 42.71 34.06 -10.92
CA SER C 299 41.87 34.44 -9.79
C SER C 299 41.34 35.84 -10.08
N LEU C 300 40.09 35.93 -10.54
CA LEU C 300 39.28 37.05 -10.98
C LEU C 300 39.35 38.18 -9.97
N TRP C 301 39.08 39.39 -10.44
CA TRP C 301 39.21 40.63 -9.66
C TRP C 301 40.66 40.98 -9.40
N ASP C 302 41.57 40.55 -10.28
CA ASP C 302 42.90 41.11 -10.33
C ASP C 302 42.93 42.41 -11.13
N ASP C 303 41.91 42.64 -11.95
CA ASP C 303 41.66 43.86 -12.70
C ASP C 303 42.72 44.13 -13.77
N LYS C 304 43.62 43.19 -14.03
CA LYS C 304 44.60 43.31 -15.11
C LYS C 304 44.29 42.22 -16.13
N ASP C 305 43.39 42.52 -17.05
CA ASP C 305 42.99 41.60 -18.11
C ASP C 305 42.76 42.38 -19.40
N MET C 306 42.58 41.66 -20.50
CA MET C 306 42.37 42.26 -21.81
C MET C 306 41.06 41.74 -22.40
N LEU C 307 40.28 42.65 -22.97
CA LEU C 307 38.99 42.30 -23.57
C LEU C 307 38.00 41.80 -22.52
N VAL C 308 38.02 42.46 -21.36
CA VAL C 308 37.15 42.07 -20.26
C VAL C 308 36.49 43.32 -19.66
N LYS C 309 35.25 43.57 -20.04
CA LYS C 309 34.49 44.65 -19.43
C LYS C 309 34.45 44.45 -17.92
N HIS C 310 34.14 45.53 -17.20
CA HIS C 310 34.19 45.48 -15.75
C HIS C 310 33.34 46.62 -15.21
N GLY C 311 32.97 46.51 -13.94
CA GLY C 311 32.16 47.53 -13.30
C GLY C 311 30.67 47.28 -13.41
N LYS D 9 26.76 18.36 13.32
CA LYS D 9 26.11 17.75 12.16
C LYS D 9 25.69 18.80 11.14
N ASN D 10 24.92 19.79 11.60
CA ASN D 10 24.46 20.90 10.76
C ASN D 10 23.97 20.42 9.40
N GLY D 11 23.16 19.38 9.39
CA GLY D 11 22.56 18.92 8.16
C GLY D 11 22.17 17.45 8.25
N ALA D 12 21.53 16.99 7.18
CA ALA D 12 21.21 15.58 7.04
C ALA D 12 22.44 14.83 6.51
N LYS D 13 22.30 13.52 6.32
CA LYS D 13 23.38 12.68 5.82
C LYS D 13 23.18 12.41 4.33
N LYS D 14 24.26 11.96 3.68
CA LYS D 14 24.21 11.57 2.29
C LYS D 14 23.82 10.10 2.17
N THR D 15 23.29 9.73 1.02
CA THR D 15 22.78 8.39 0.79
C THR D 15 23.90 7.36 0.84
N SER D 16 23.50 6.10 0.74
CA SER D 16 24.41 4.96 0.63
C SER D 16 24.01 4.17 -0.61
N LEU D 17 24.61 2.99 -0.77
CA LEU D 17 24.33 2.16 -1.94
C LEU D 17 23.26 1.12 -1.68
N ARG D 18 23.13 0.67 -0.43
CA ARG D 18 22.10 -0.30 -0.07
C ARG D 18 20.80 0.37 0.37
N GLU D 19 20.75 1.70 0.38
CA GLU D 19 19.51 2.44 0.49
C GLU D 19 19.08 3.02 -0.84
N LEU D 20 19.69 2.57 -1.93
CA LEU D 20 19.44 3.07 -3.26
C LEU D 20 18.84 1.97 -4.12
N PRO D 21 17.84 2.27 -4.94
CA PRO D 21 17.30 1.27 -5.85
C PRO D 21 17.99 1.27 -7.20
N LYS D 22 18.06 0.09 -7.78
CA LYS D 22 18.67 -0.07 -9.10
C LYS D 22 17.86 0.71 -10.13
N ILE D 23 18.39 0.79 -11.35
CA ILE D 23 17.68 1.46 -12.42
C ILE D 23 16.67 0.52 -13.07
N SER D 24 16.75 -0.79 -12.80
CA SER D 24 15.74 -1.72 -13.27
C SER D 24 14.41 -1.49 -12.56
N ASP D 25 14.44 -0.89 -11.38
CA ASP D 25 13.26 -0.73 -10.53
C ASP D 25 12.94 0.75 -10.30
N ARG D 26 12.96 1.55 -11.35
CA ARG D 26 12.85 3.00 -11.22
C ARG D 26 11.95 3.58 -12.30
N VAL D 27 11.58 4.85 -12.07
CA VAL D 27 10.99 5.67 -13.11
C VAL D 27 12.06 6.01 -14.14
N SER D 28 11.63 6.56 -15.27
CA SER D 28 12.53 6.78 -16.38
C SER D 28 13.06 8.22 -16.43
N PHE D 29 12.17 9.21 -16.43
CA PHE D 29 12.64 10.58 -16.63
C PHE D 29 11.53 11.58 -16.29
N ILE D 30 11.97 12.78 -15.93
CA ILE D 30 11.10 13.92 -15.63
C ILE D 30 11.52 15.08 -16.50
N TYR D 31 10.60 16.03 -16.69
CA TYR D 31 10.86 17.25 -17.41
C TYR D 31 10.56 18.46 -16.53
N VAL D 32 11.22 19.57 -16.83
CA VAL D 32 11.12 20.78 -16.02
C VAL D 32 11.45 21.96 -16.92
N GLU D 33 10.64 23.00 -16.83
CA GLU D 33 10.92 24.23 -17.57
C GLU D 33 10.31 25.41 -16.83
N HIS D 34 10.80 26.60 -17.19
CA HIS D 34 10.39 27.85 -16.57
C HIS D 34 10.18 27.69 -15.07
N ALA D 35 11.23 27.23 -14.41
CA ALA D 35 11.21 27.00 -12.97
C ALA D 35 12.57 27.40 -12.42
N LYS D 36 12.84 27.00 -11.18
CA LYS D 36 14.16 27.17 -10.59
C LYS D 36 14.30 26.21 -9.42
N ILE D 37 15.23 25.28 -9.55
CA ILE D 37 15.42 24.23 -8.56
C ILE D 37 16.25 24.80 -7.42
N ASN D 38 16.21 24.11 -6.29
CA ASN D 38 16.81 24.58 -5.05
C ASN D 38 16.93 23.40 -4.09
N ARG D 39 17.41 23.68 -2.89
CA ARG D 39 17.41 22.73 -1.79
C ARG D 39 16.66 23.35 -0.62
N VAL D 40 15.98 22.50 0.16
CA VAL D 40 15.18 22.95 1.28
C VAL D 40 14.99 21.78 2.24
N ASP D 41 15.17 22.06 3.52
CA ASP D 41 14.96 21.09 4.59
C ASP D 41 15.50 19.71 4.21
N SER D 42 16.70 19.70 3.63
CA SER D 42 17.38 18.46 3.26
C SER D 42 16.74 17.80 2.06
N ALA D 43 16.08 18.60 1.22
CA ALA D 43 15.31 18.06 0.11
C ALA D 43 15.58 18.81 -1.18
N ILE D 44 14.75 18.52 -2.18
CA ILE D 44 14.82 19.17 -3.48
C ILE D 44 13.51 19.94 -3.64
N THR D 45 13.46 20.78 -4.67
CA THR D 45 12.35 21.70 -4.80
C THR D 45 12.29 22.23 -6.23
N VAL D 46 11.12 22.70 -6.62
CA VAL D 46 10.87 23.31 -7.91
C VAL D 46 9.85 24.40 -7.67
N LEU D 47 9.88 25.45 -8.49
CA LEU D 47 9.07 26.62 -8.22
C LEU D 47 8.76 27.34 -9.52
N ASP D 48 7.56 27.14 -10.03
CA ASP D 48 6.99 27.92 -11.12
C ASP D 48 5.89 28.82 -10.56
N SER D 49 5.23 29.55 -11.47
CA SER D 49 4.13 30.39 -11.06
C SER D 49 3.01 29.57 -10.42
N ARG D 50 2.63 28.47 -11.05
CA ARG D 50 1.57 27.61 -10.53
C ARG D 50 1.78 27.23 -9.07
N GLY D 51 3.01 27.07 -8.63
CA GLY D 51 3.30 26.82 -7.23
C GLY D 51 4.43 25.82 -7.03
N THR D 52 4.82 25.67 -5.77
CA THR D 52 5.93 24.81 -5.42
C THR D 52 5.63 23.35 -5.77
N VAL D 53 6.70 22.57 -5.87
CA VAL D 53 6.66 21.13 -6.10
C VAL D 53 7.82 20.53 -5.34
N ARG D 54 7.90 19.20 -5.34
CA ARG D 54 9.08 18.51 -4.87
C ARG D 54 9.34 17.33 -5.78
N ILE D 55 10.49 16.68 -5.60
CA ILE D 55 11.03 15.76 -6.57
C ILE D 55 11.71 14.61 -5.84
N PRO D 56 11.21 13.38 -5.95
CA PRO D 56 12.00 12.23 -5.48
C PRO D 56 13.19 11.98 -6.40
N ALA D 57 14.33 11.63 -5.83
CA ALA D 57 15.54 11.51 -6.63
C ALA D 57 16.05 10.07 -6.66
N ALA D 58 15.74 9.29 -5.64
CA ALA D 58 16.08 7.88 -5.62
C ALA D 58 15.04 7.03 -6.27
N MET D 59 14.19 7.62 -7.11
CA MET D 59 13.21 6.89 -7.91
C MET D 59 13.13 7.45 -9.32
N ILE D 60 14.24 7.98 -9.83
CA ILE D 60 14.32 8.48 -11.20
C ILE D 60 15.69 8.09 -11.75
N GLY D 61 15.85 8.24 -13.05
CA GLY D 61 17.09 7.93 -13.71
C GLY D 61 17.62 9.09 -14.52
N VAL D 62 16.76 10.06 -14.82
CA VAL D 62 17.14 11.21 -15.63
C VAL D 62 16.26 12.39 -15.25
N LEU D 63 16.87 13.57 -15.24
CA LEU D 63 16.18 14.84 -15.25
C LEU D 63 16.43 15.54 -16.58
N LEU D 64 15.45 16.32 -17.01
CA LEU D 64 15.60 17.17 -18.18
C LEU D 64 15.28 18.59 -17.75
N LEU D 65 16.08 19.54 -18.22
CA LEU D 65 15.97 20.93 -17.80
C LEU D 65 15.88 21.82 -19.03
N GLY D 66 14.74 22.49 -19.18
CA GLY D 66 14.47 23.29 -20.34
C GLY D 66 14.70 24.77 -20.09
N PRO D 67 14.20 25.60 -21.01
CA PRO D 67 14.47 27.04 -20.94
C PRO D 67 14.06 27.64 -19.61
N GLY D 68 14.54 28.87 -19.39
CA GLY D 68 14.19 29.64 -18.21
C GLY D 68 14.47 28.95 -16.88
N THR D 69 15.17 27.82 -16.92
CA THR D 69 15.44 27.03 -15.74
C THR D 69 16.72 27.51 -15.06
N ASP D 70 16.71 27.47 -13.73
CA ASP D 70 17.89 27.75 -12.93
C ASP D 70 18.06 26.61 -11.93
N ILE D 71 19.25 26.54 -11.33
CA ILE D 71 19.58 25.45 -10.43
C ILE D 71 20.81 25.85 -9.62
N SER D 72 20.93 25.30 -8.42
CA SER D 72 21.91 25.72 -7.44
C SER D 72 22.80 24.56 -7.02
N HIS D 73 24.06 24.89 -6.76
CA HIS D 73 25.12 23.95 -6.40
C HIS D 73 24.67 22.90 -5.39
N ARG D 74 23.85 23.32 -4.42
CA ARG D 74 23.47 22.42 -3.34
C ARG D 74 22.38 21.44 -3.74
N ALA D 75 21.73 21.66 -4.88
CA ALA D 75 20.85 20.65 -5.45
C ALA D 75 21.66 19.58 -6.17
N VAL D 76 22.49 20.02 -7.11
CA VAL D 76 23.41 19.11 -7.81
C VAL D 76 24.12 18.20 -6.81
N GLU D 77 24.69 18.78 -5.75
CA GLU D 77 25.29 17.97 -4.71
C GLU D 77 24.40 16.80 -4.31
N LEU D 78 23.08 16.99 -4.32
CA LEU D 78 22.16 15.99 -3.80
C LEU D 78 21.77 14.98 -4.87
N ILE D 79 21.34 15.49 -6.02
CA ILE D 79 20.87 14.62 -7.10
C ILE D 79 21.94 13.59 -7.45
N GLY D 80 23.10 14.08 -7.89
CA GLY D 80 24.24 13.23 -8.15
C GLY D 80 24.50 12.16 -7.11
N ASP D 81 24.24 12.49 -5.85
CA ASP D 81 24.54 11.59 -4.75
C ASP D 81 23.59 10.39 -4.69
N THR D 82 22.65 10.29 -5.62
CA THR D 82 21.72 9.18 -5.68
C THR D 82 22.05 8.18 -6.79
N GLY D 83 22.53 8.66 -7.93
CA GLY D 83 22.67 7.88 -9.13
C GLY D 83 21.90 8.47 -10.30
N THR D 84 21.14 9.52 -10.06
CA THR D 84 20.40 10.21 -11.09
C THR D 84 21.38 10.99 -11.97
N SER D 85 20.84 11.66 -12.99
CA SER D 85 21.64 12.43 -13.91
C SER D 85 20.91 13.70 -14.30
N MET D 86 21.62 14.61 -14.95
CA MET D 86 21.13 15.91 -15.35
C MET D 86 21.45 16.11 -16.81
N VAL D 87 20.55 16.78 -17.53
CA VAL D 87 20.70 17.00 -18.97
C VAL D 87 20.03 18.31 -19.30
N TRP D 88 20.76 19.22 -19.93
CA TRP D 88 20.20 20.48 -20.38
C TRP D 88 19.85 20.39 -21.86
N VAL D 89 18.63 20.81 -22.20
CA VAL D 89 18.09 20.66 -23.53
C VAL D 89 17.61 22.02 -24.01
N GLY D 90 17.02 22.04 -25.20
CA GLY D 90 16.59 23.29 -25.79
C GLY D 90 16.02 23.03 -27.18
N GLU D 91 16.00 24.10 -27.97
CA GLU D 91 15.45 23.99 -29.33
C GLU D 91 16.44 23.33 -30.29
N ARG D 92 17.73 23.38 -29.99
CA ARG D 92 18.73 22.80 -30.89
C ARG D 92 19.04 21.35 -30.56
N GLY D 93 18.83 20.94 -29.32
CA GLY D 93 19.05 19.56 -28.93
C GLY D 93 19.62 19.48 -27.54
N VAL D 94 20.03 18.26 -27.19
CA VAL D 94 20.60 18.02 -25.87
C VAL D 94 21.93 18.76 -25.74
N ARG D 95 22.37 18.93 -24.49
CA ARG D 95 23.61 19.63 -24.18
C ARG D 95 24.01 19.32 -22.75
N GLN D 96 25.31 19.43 -22.48
CA GLN D 96 25.82 19.48 -21.12
C GLN D 96 25.35 18.29 -20.27
N TYR D 97 25.66 17.09 -20.76
CA TYR D 97 25.45 15.90 -19.94
C TYR D 97 26.24 15.99 -18.65
N ALA D 98 25.54 15.92 -17.52
CA ALA D 98 26.17 15.95 -16.20
C ALA D 98 25.81 14.70 -15.43
N HIS D 99 26.62 14.35 -14.43
CA HIS D 99 26.35 13.19 -13.62
C HIS D 99 27.29 13.16 -12.43
N GLY D 100 26.92 12.35 -11.43
CA GLY D 100 27.67 12.24 -10.20
C GLY D 100 28.25 10.86 -9.91
N ARG D 101 27.68 10.16 -8.94
CA ARG D 101 28.17 8.86 -8.51
C ARG D 101 27.65 7.75 -9.44
N SER D 102 28.23 6.56 -9.29
CA SER D 102 27.84 5.39 -10.06
C SER D 102 27.55 4.23 -9.12
N LEU D 103 26.44 3.53 -9.36
CA LEU D 103 26.00 2.46 -8.48
C LEU D 103 26.71 1.15 -8.79
N ALA D 104 28.03 1.16 -8.80
CA ALA D 104 28.80 -0.04 -9.10
C ALA D 104 30.14 0.06 -8.40
N HIS D 105 30.36 -0.80 -7.40
CA HIS D 105 31.60 -0.79 -6.62
C HIS D 105 32.68 -1.66 -7.25
N SER D 106 32.47 -2.13 -8.48
CA SER D 106 33.46 -2.93 -9.20
C SER D 106 33.48 -2.48 -10.66
N THR D 107 34.59 -2.76 -11.34
CA THR D 107 34.89 -2.13 -12.62
C THR D 107 35.02 -3.14 -13.76
N LYS D 108 34.50 -4.37 -13.60
CA LYS D 108 34.68 -5.39 -14.62
C LYS D 108 34.26 -4.91 -16.01
N PHE D 109 33.15 -4.19 -16.09
CA PHE D 109 32.66 -3.75 -17.39
C PHE D 109 33.68 -2.84 -18.08
N LEU D 110 34.25 -1.92 -17.31
CA LEU D 110 35.23 -1.00 -17.90
C LEU D 110 36.51 -1.73 -18.28
N GLU D 111 36.98 -2.62 -17.41
CA GLU D 111 38.16 -3.42 -17.71
C GLU D 111 38.00 -4.16 -19.04
N LYS D 112 36.91 -4.92 -19.18
CA LYS D 112 36.71 -5.66 -20.42
C LYS D 112 36.47 -4.74 -21.61
N GLN D 113 35.76 -3.63 -21.40
CA GLN D 113 35.55 -2.68 -22.49
C GLN D 113 36.88 -2.15 -23.03
N ALA D 114 37.82 -1.89 -22.12
CA ALA D 114 39.13 -1.41 -22.55
C ALA D 114 39.93 -2.53 -23.22
N LYS D 115 39.97 -3.70 -22.57
CA LYS D 115 40.64 -4.86 -23.17
C LYS D 115 40.16 -5.06 -24.60
N LEU D 116 38.87 -4.86 -24.85
CA LEU D 116 38.35 -4.95 -26.21
C LEU D 116 38.84 -3.81 -27.08
N VAL D 117 38.50 -2.57 -26.71
CA VAL D 117 38.67 -1.45 -27.63
C VAL D 117 40.15 -1.14 -27.90
N SER D 118 41.06 -1.57 -27.03
CA SER D 118 42.47 -1.37 -27.29
C SER D 118 42.88 -2.06 -28.59
N ASN D 119 42.73 -3.39 -28.63
CA ASN D 119 42.85 -4.13 -29.87
C ASN D 119 41.85 -3.60 -30.90
N SER D 120 42.08 -3.93 -32.16
CA SER D 120 41.20 -3.49 -33.24
C SER D 120 40.36 -4.61 -33.84
N ARG D 121 40.86 -5.85 -33.84
CA ARG D 121 40.07 -6.95 -34.37
C ARG D 121 38.86 -7.25 -33.50
N LEU D 122 39.03 -7.23 -32.18
CA LEU D 122 37.89 -7.41 -31.28
C LEU D 122 36.92 -6.24 -31.41
N ARG D 123 37.45 -5.03 -31.53
CA ARG D 123 36.63 -3.86 -31.82
C ARG D 123 35.77 -4.09 -33.05
N LEU D 124 36.37 -4.65 -34.11
CA LEU D 124 35.64 -4.90 -35.34
C LEU D 124 34.59 -5.98 -35.15
N ALA D 125 34.93 -7.05 -34.43
CA ALA D 125 33.96 -8.10 -34.15
C ALA D 125 32.73 -7.55 -33.45
N VAL D 126 32.94 -6.78 -32.37
CA VAL D 126 31.82 -6.24 -31.63
C VAL D 126 31.05 -5.23 -32.47
N ALA D 127 31.74 -4.44 -33.30
CA ALA D 127 31.03 -3.52 -34.18
C ALA D 127 30.18 -4.26 -35.18
N ARG D 128 30.62 -5.44 -35.63
CA ARG D 128 29.81 -6.25 -36.55
C ARG D 128 28.59 -6.81 -35.83
N LYS D 129 28.79 -7.32 -34.61
CA LYS D 129 27.65 -7.70 -33.77
C LYS D 129 26.61 -6.60 -33.74
N MET D 130 27.05 -5.37 -33.45
CA MET D 130 26.09 -4.27 -33.34
C MET D 130 25.49 -3.91 -34.69
N TYR D 131 26.27 -4.00 -35.76
CA TYR D 131 25.76 -3.72 -37.09
C TYR D 131 24.64 -4.68 -37.45
N GLN D 132 24.74 -5.94 -37.01
CA GLN D 132 23.69 -6.89 -37.34
C GLN D 132 22.55 -6.83 -36.34
N MET D 133 22.81 -6.28 -35.15
CA MET D 133 21.72 -6.02 -34.22
C MET D 133 20.90 -4.80 -34.63
N ARG D 134 21.48 -3.89 -35.44
CA ARG D 134 20.74 -2.71 -35.85
C ARG D 134 19.59 -3.04 -36.78
N PHE D 135 19.55 -4.26 -37.33
CA PHE D 135 18.63 -4.60 -38.40
C PHE D 135 17.65 -5.68 -37.97
N PRO D 136 16.53 -5.83 -38.69
CA PRO D 136 15.42 -6.66 -38.19
C PRO D 136 15.78 -8.08 -37.83
N ASP D 137 16.91 -8.60 -38.30
CA ASP D 137 17.23 -10.00 -38.10
C ASP D 137 18.75 -10.20 -38.07
N GLU D 138 19.17 -11.46 -38.09
CA GLU D 138 20.57 -11.83 -37.98
C GLU D 138 21.27 -11.94 -39.33
N ASP D 139 20.71 -12.71 -40.25
CA ASP D 139 21.33 -12.95 -41.55
C ASP D 139 21.17 -11.78 -42.51
N VAL D 140 20.57 -10.68 -42.08
CA VAL D 140 20.37 -9.52 -42.95
C VAL D 140 21.58 -8.61 -43.02
N SER D 141 22.56 -8.80 -42.14
CA SER D 141 23.74 -7.94 -42.12
C SER D 141 24.58 -8.17 -43.37
N ALA D 142 25.69 -7.44 -43.46
CA ALA D 142 26.59 -7.52 -44.60
C ALA D 142 28.03 -7.55 -44.08
N MET D 143 28.83 -8.47 -44.61
CA MET D 143 30.22 -8.64 -44.18
C MET D 143 31.11 -7.80 -45.09
N THR D 144 31.03 -6.49 -44.91
CA THR D 144 31.86 -5.54 -45.64
C THR D 144 32.45 -4.54 -44.67
N MET D 145 33.30 -3.65 -45.20
CA MET D 145 33.99 -2.67 -44.36
C MET D 145 33.21 -1.36 -44.27
N GLN D 146 32.84 -0.77 -45.41
CA GLN D 146 32.21 0.54 -45.42
C GLN D 146 30.95 0.61 -46.27
N GLN D 147 30.58 -0.45 -46.99
CA GLN D 147 29.28 -0.46 -47.63
C GLN D 147 28.17 -0.34 -46.59
N LEU D 148 28.46 -0.69 -45.34
CA LEU D 148 27.49 -0.51 -44.27
C LEU D 148 27.25 0.96 -43.97
N ARG D 149 28.15 1.85 -44.38
CA ARG D 149 27.89 3.28 -44.27
C ARG D 149 26.69 3.66 -45.14
N GLY D 150 26.72 3.28 -46.41
CA GLY D 150 25.57 3.49 -47.27
C GLY D 150 24.36 2.70 -46.83
N ARG D 151 24.59 1.52 -46.25
CA ARG D 151 23.49 0.75 -45.66
C ARG D 151 22.74 1.58 -44.62
N GLU D 152 23.47 2.09 -43.63
CA GLU D 152 22.87 2.91 -42.58
C GLU D 152 22.28 4.20 -43.16
N GLY D 153 22.91 4.76 -44.20
CA GLY D 153 22.35 5.95 -44.83
C GLY D 153 20.99 5.70 -45.43
N ALA D 154 20.87 4.64 -46.25
CA ALA D 154 19.57 4.30 -46.82
C ALA D 154 18.57 3.91 -45.73
N ARG D 155 19.05 3.27 -44.66
CA ARG D 155 18.16 2.92 -43.56
C ARG D 155 17.59 4.16 -42.88
N VAL D 156 18.43 5.20 -42.71
CA VAL D 156 17.94 6.48 -42.20
C VAL D 156 16.95 7.09 -43.19
N ARG D 157 17.26 7.03 -44.47
CA ARG D 157 16.35 7.49 -45.51
C ARG D 157 15.38 6.37 -45.91
N ILE D 186 7.20 19.69 -38.47
CA ILE D 186 6.29 19.42 -37.37
C ILE D 186 6.46 17.96 -36.90
N VAL D 187 7.59 17.37 -37.30
CA VAL D 187 7.95 16.02 -36.83
C VAL D 187 9.30 15.98 -36.14
N ASN D 188 10.23 16.88 -36.49
CA ASN D 188 11.53 16.88 -35.83
C ASN D 188 11.39 17.19 -34.34
N GLN D 189 10.32 17.85 -33.94
CA GLN D 189 10.09 18.10 -32.52
C GLN D 189 10.02 16.77 -31.76
N ALA D 190 9.14 15.88 -32.20
CA ALA D 190 9.02 14.57 -31.54
C ALA D 190 10.30 13.75 -31.74
N LEU D 191 10.88 13.81 -32.94
CA LEU D 191 12.16 13.16 -33.17
C LEU D 191 13.14 13.51 -32.06
N SER D 192 13.40 14.81 -31.89
CA SER D 192 14.29 15.28 -30.84
C SER D 192 13.84 14.76 -29.49
N ALA D 193 12.67 15.18 -29.03
CA ALA D 193 12.20 14.81 -27.70
C ALA D 193 12.51 13.35 -27.36
N ALA D 194 12.11 12.43 -28.25
CA ALA D 194 12.36 11.01 -27.99
C ALA D 194 13.86 10.74 -27.94
N ASN D 195 14.62 11.31 -28.89
CA ASN D 195 16.06 11.10 -28.91
C ASN D 195 16.70 11.57 -27.61
N VAL D 196 16.19 12.67 -27.05
CA VAL D 196 16.72 13.25 -25.81
C VAL D 196 16.50 12.28 -24.66
N ALA D 197 15.25 11.87 -24.46
CA ALA D 197 14.97 10.92 -23.39
C ALA D 197 15.81 9.67 -23.54
N LEU D 198 16.03 9.25 -24.79
CA LEU D 198 16.81 8.05 -25.04
C LEU D 198 18.26 8.22 -24.60
N TYR D 199 18.93 9.25 -25.14
CA TYR D 199 20.30 9.55 -24.76
C TYR D 199 20.43 9.62 -23.24
N GLY D 200 19.50 10.29 -22.57
CA GLY D 200 19.61 10.44 -21.14
C GLY D 200 19.55 9.12 -20.40
N LEU D 201 18.52 8.30 -20.69
CA LEU D 201 18.38 7.04 -19.97
C LEU D 201 19.56 6.13 -20.25
N VAL D 202 20.09 6.17 -21.48
CA VAL D 202 21.30 5.42 -21.76
C VAL D 202 22.42 5.89 -20.84
N HIS D 203 22.80 7.16 -20.95
CA HIS D 203 23.82 7.75 -20.08
C HIS D 203 23.70 7.23 -18.65
N SER D 204 22.47 7.23 -18.13
CA SER D 204 22.24 6.81 -16.75
C SER D 204 22.64 5.35 -16.55
N ILE D 205 22.10 4.45 -17.36
CA ILE D 205 22.38 3.03 -17.14
C ILE D 205 23.86 2.74 -17.37
N VAL D 206 24.48 3.46 -18.29
CA VAL D 206 25.90 3.26 -18.58
C VAL D 206 26.74 3.60 -17.35
N ILE D 207 26.55 4.80 -16.80
CA ILE D 207 27.34 5.17 -15.63
C ILE D 207 26.97 4.30 -14.42
N ALA D 208 25.76 3.76 -14.38
CA ALA D 208 25.38 2.94 -13.24
C ALA D 208 25.91 1.52 -13.35
N LEU D 209 26.22 1.08 -14.57
CA LEU D 209 26.88 -0.20 -14.74
C LEU D 209 28.39 -0.09 -14.53
N GLY D 210 28.98 1.01 -14.99
CA GLY D 210 30.40 1.23 -14.85
C GLY D 210 31.14 1.43 -16.14
N ALA D 211 30.43 1.55 -17.26
CA ALA D 211 31.06 1.73 -18.55
C ALA D 211 31.52 3.18 -18.69
N SER D 212 31.94 3.56 -19.89
CA SER D 212 32.47 4.89 -20.14
C SER D 212 31.87 5.40 -21.44
N PRO D 213 31.31 6.62 -21.44
CA PRO D 213 30.73 7.14 -22.68
C PRO D 213 31.76 7.47 -23.75
N GLY D 214 33.04 7.20 -23.52
CA GLY D 214 34.06 7.61 -24.47
C GLY D 214 34.66 6.44 -25.23
N LEU D 215 34.79 5.31 -24.55
CA LEU D 215 35.32 4.09 -25.17
C LEU D 215 34.27 3.44 -26.06
N GLY D 216 34.11 4.02 -27.25
CA GLY D 216 33.14 3.53 -28.20
C GLY D 216 33.80 2.73 -29.31
N PHE D 217 33.03 1.86 -29.95
CA PHE D 217 33.54 1.05 -31.05
C PHE D 217 33.22 1.63 -32.41
N VAL D 218 32.32 2.62 -32.47
CA VAL D 218 32.09 3.41 -33.66
C VAL D 218 31.97 4.87 -33.19
N HIS D 219 31.76 5.78 -34.14
CA HIS D 219 31.44 7.17 -33.84
C HIS D 219 32.59 7.90 -33.17
N THR D 220 33.74 7.24 -32.99
CA THR D 220 34.76 7.72 -32.07
C THR D 220 35.25 9.11 -32.48
N GLY D 221 36.04 9.69 -31.59
CA GLY D 221 36.49 11.06 -31.72
C GLY D 221 35.81 12.04 -30.78
N HIS D 222 35.17 11.56 -29.72
CA HIS D 222 34.43 12.40 -28.79
C HIS D 222 34.37 11.66 -27.46
N ASP D 223 33.60 12.20 -26.51
CA ASP D 223 33.45 11.60 -25.20
C ASP D 223 32.12 10.89 -25.00
N LEU D 224 31.25 10.88 -26.00
CA LEU D 224 29.95 10.23 -25.90
C LEU D 224 29.77 9.13 -26.95
N SER D 225 30.81 8.34 -27.20
CA SER D 225 30.79 7.42 -28.32
C SER D 225 29.96 6.19 -28.01
N PHE D 226 30.18 5.57 -26.85
CA PHE D 226 29.39 4.41 -26.46
C PHE D 226 27.91 4.77 -26.38
N ILE D 227 27.62 6.02 -26.04
CA ILE D 227 26.23 6.46 -25.93
C ILE D 227 25.61 6.62 -27.32
N TYR D 228 26.26 7.42 -28.16
CA TYR D 228 25.77 7.61 -29.52
C TYR D 228 25.68 6.30 -30.28
N ASP D 229 26.43 5.28 -29.85
CA ASP D 229 26.33 3.97 -30.46
C ASP D 229 25.15 3.17 -29.92
N ILE D 230 25.14 2.92 -28.61
CA ILE D 230 24.05 2.16 -28.00
C ILE D 230 22.68 2.75 -28.29
N ALA D 231 22.59 4.03 -28.66
CA ALA D 231 21.28 4.63 -28.82
C ALA D 231 20.70 4.41 -30.22
N ASP D 232 21.57 4.22 -31.22
CA ASP D 232 21.10 4.01 -32.58
C ASP D 232 20.45 2.65 -32.76
N LEU D 233 20.70 1.70 -31.85
CA LEU D 233 20.06 0.40 -31.94
C LEU D 233 18.55 0.48 -31.77
N TYR D 234 18.06 1.51 -31.08
CA TYR D 234 16.65 1.65 -30.78
C TYR D 234 16.06 2.94 -31.35
N LYS D 235 16.88 3.89 -31.79
CA LYS D 235 16.34 5.09 -32.42
C LYS D 235 15.34 4.73 -33.50
N ALA D 236 15.68 3.75 -34.33
CA ALA D 236 14.80 3.39 -35.45
C ALA D 236 13.45 2.91 -34.94
N GLU D 237 13.45 1.87 -34.11
CA GLU D 237 12.20 1.26 -33.68
C GLU D 237 11.41 2.12 -32.70
N LEU D 238 11.97 3.22 -32.21
CA LEU D 238 11.26 4.05 -31.25
C LEU D 238 10.87 5.42 -31.78
N THR D 239 11.84 6.19 -32.27
CA THR D 239 11.60 7.62 -32.52
C THR D 239 10.57 7.85 -33.61
N ILE D 240 10.74 7.22 -34.76
CA ILE D 240 10.08 7.66 -35.99
C ILE D 240 8.60 7.33 -35.99
N PRO D 241 8.17 6.12 -35.57
CA PRO D 241 6.74 5.80 -35.63
C PRO D 241 5.86 6.86 -34.98
N LEU D 242 6.09 7.11 -33.69
CA LEU D 242 5.25 8.06 -32.96
C LEU D 242 5.51 9.49 -33.43
N ALA D 243 6.71 9.77 -33.94
CA ALA D 243 6.98 11.09 -34.48
C ALA D 243 6.08 11.37 -35.68
N PHE D 244 5.98 10.41 -36.60
CA PHE D 244 5.11 10.59 -37.76
C PHE D 244 3.65 10.63 -37.33
N GLU D 245 3.24 9.74 -36.42
CA GLU D 245 1.88 9.78 -35.90
C GLU D 245 1.54 11.19 -35.39
N ILE D 246 2.39 11.75 -34.52
CA ILE D 246 2.16 13.09 -34.00
C ILE D 246 2.09 14.09 -35.14
N ALA D 247 3.13 14.16 -35.96
CA ALA D 247 3.20 15.18 -37.01
C ALA D 247 1.95 15.14 -37.89
N ALA D 248 1.41 13.94 -38.11
CA ALA D 248 0.13 13.83 -38.80
C ALA D 248 -0.99 14.42 -37.96
N ASN D 249 -1.01 14.09 -36.67
CA ASN D 249 -2.00 14.62 -35.73
C ASN D 249 -1.45 15.89 -35.10
N PHE D 250 -1.60 17.01 -35.81
CA PHE D 250 -1.03 18.27 -35.33
C PHE D 250 -1.73 18.73 -34.05
N THR D 251 -3.04 18.96 -34.12
CA THR D 251 -3.78 19.46 -32.97
C THR D 251 -3.98 18.36 -31.93
N LYS D 258 5.73 18.16 -25.82
CA LYS D 258 4.84 17.85 -24.71
C LYS D 258 3.99 16.64 -25.04
N ILE D 259 3.19 16.77 -26.11
CA ILE D 259 2.28 15.71 -26.51
C ILE D 259 3.00 14.39 -26.76
N ALA D 260 4.32 14.41 -26.96
CA ALA D 260 5.04 13.20 -27.30
C ALA D 260 5.44 12.41 -26.06
N ARG D 261 5.70 13.10 -24.95
CA ARG D 261 6.37 12.50 -23.81
C ARG D 261 5.50 11.47 -23.09
N GLN D 262 4.22 11.40 -23.43
CA GLN D 262 3.39 10.31 -22.93
C GLN D 262 3.61 9.04 -23.76
N LYS D 263 3.60 9.19 -25.08
CA LYS D 263 3.88 8.04 -25.95
C LYS D 263 5.28 7.51 -25.70
N VAL D 264 6.25 8.40 -25.47
CA VAL D 264 7.62 7.96 -25.23
C VAL D 264 7.68 7.09 -23.98
N ARG D 265 7.03 7.51 -22.91
CA ARG D 265 7.08 6.75 -21.68
C ARG D 265 6.31 5.44 -21.80
N ASP D 266 5.18 5.45 -22.51
CA ASP D 266 4.45 4.22 -22.73
C ASP D 266 5.29 3.23 -23.52
N SER D 267 5.98 3.73 -24.56
CA SER D 267 6.91 2.90 -25.30
C SER D 267 7.97 2.29 -24.39
N PHE D 268 8.57 3.10 -23.51
CA PHE D 268 9.54 2.55 -22.57
C PHE D 268 8.93 1.43 -21.75
N VAL D 269 7.79 1.71 -21.11
CA VAL D 269 7.19 0.75 -20.18
C VAL D 269 6.89 -0.56 -20.89
N ASP D 270 6.40 -0.47 -22.13
CA ASP D 270 6.10 -1.68 -22.89
C ASP D 270 7.38 -2.40 -23.30
N GLY D 271 8.23 -1.74 -24.08
CA GLY D 271 9.45 -2.35 -24.56
C GLY D 271 10.29 -3.00 -23.48
N LYS D 272 10.35 -2.40 -22.29
CA LYS D 272 11.28 -2.84 -21.25
C LYS D 272 12.72 -2.55 -21.63
N LEU D 273 12.96 -1.33 -22.13
CA LEU D 273 14.30 -0.89 -22.49
C LEU D 273 15.27 -1.10 -21.34
N ILE D 274 14.88 -0.64 -20.15
CA ILE D 274 15.78 -0.62 -19.01
C ILE D 274 16.40 -1.98 -18.70
N VAL D 275 15.79 -3.07 -19.16
CA VAL D 275 16.36 -4.39 -18.98
C VAL D 275 16.94 -4.94 -20.27
N ARG D 276 16.28 -4.71 -21.41
CA ARG D 276 16.81 -5.23 -22.66
C ARG D 276 18.18 -4.63 -22.95
N ILE D 277 18.42 -3.40 -22.49
CA ILE D 277 19.71 -2.76 -22.73
C ILE D 277 20.80 -3.44 -21.92
N VAL D 278 20.53 -3.69 -20.64
CA VAL D 278 21.49 -4.43 -19.82
C VAL D 278 21.77 -5.79 -20.43
N GLN D 279 20.74 -6.43 -20.98
CA GLN D 279 20.95 -7.73 -21.62
C GLN D 279 21.86 -7.59 -22.84
N ASP D 280 21.52 -6.66 -23.75
CA ASP D 280 22.36 -6.39 -24.91
C ASP D 280 23.81 -6.15 -24.50
N ILE D 281 24.03 -5.46 -23.38
CA ILE D 281 25.39 -5.12 -22.99
C ILE D 281 26.12 -6.35 -22.45
N GLN D 282 25.48 -7.12 -21.57
CA GLN D 282 26.14 -8.32 -21.05
C GLN D 282 26.40 -9.33 -22.15
N TYR D 283 25.63 -9.27 -23.24
CA TYR D 283 25.88 -10.14 -24.39
C TYR D 283 26.97 -9.57 -25.30
N LEU D 284 27.00 -8.25 -25.43
CA LEU D 284 27.99 -7.58 -26.28
C LEU D 284 29.39 -7.64 -25.68
N PHE D 285 29.50 -7.78 -24.36
CA PHE D 285 30.79 -7.86 -23.68
C PHE D 285 31.03 -9.25 -23.10
N ASP D 286 30.76 -10.29 -23.88
CA ASP D 286 31.06 -11.65 -23.44
C ASP D 286 31.08 -12.61 -24.63
N PRO E 2 -6.41 -4.35 -3.60
CA PRO E 2 -5.02 -4.13 -3.22
C PRO E 2 -4.87 -3.41 -1.88
N PHE E 3 -3.69 -2.86 -1.62
CA PHE E 3 -3.44 -2.15 -0.37
C PHE E 3 -3.95 -0.73 -0.47
N THR E 4 -4.67 -0.29 0.54
CA THR E 4 -5.35 0.99 0.52
C THR E 4 -5.09 1.72 1.83
N VAL E 5 -4.91 3.03 1.73
CA VAL E 5 -4.62 3.89 2.87
C VAL E 5 -5.47 5.14 2.78
N VAL E 6 -6.14 5.49 3.87
CA VAL E 6 -7.04 6.62 3.91
C VAL E 6 -6.54 7.63 4.94
N THR E 7 -6.96 8.88 4.74
CA THR E 7 -6.57 9.98 5.61
C THR E 7 -7.75 10.93 5.74
N LEU E 8 -8.11 11.28 6.98
CA LEU E 8 -9.25 12.13 7.25
C LEU E 8 -8.83 13.31 8.11
N LYS E 9 -9.39 14.48 7.79
CA LYS E 9 -9.11 15.71 8.52
C LYS E 9 -10.37 16.55 8.70
N SER E 10 -10.73 16.83 9.95
CA SER E 10 -11.89 17.64 10.28
C SER E 10 -13.18 17.02 9.74
N VAL E 11 -13.44 15.79 10.20
CA VAL E 11 -14.62 15.05 9.78
C VAL E 11 -15.49 14.75 11.00
N PRO E 12 -16.78 14.48 10.83
CA PRO E 12 -17.60 14.12 11.97
C PRO E 12 -17.11 12.82 12.59
N PRO E 13 -17.47 12.54 13.84
CA PRO E 13 -17.12 11.25 14.44
C PRO E 13 -17.94 10.09 13.91
N SER E 14 -18.88 10.34 13.00
CA SER E 14 -19.66 9.28 12.37
C SER E 14 -19.00 8.73 11.12
N LEU E 15 -17.71 8.98 10.96
CA LEU E 15 -16.89 8.42 9.90
C LEU E 15 -15.64 7.75 10.45
N ARG E 16 -15.02 8.32 11.48
CA ARG E 16 -13.84 7.74 12.10
C ARG E 16 -14.13 6.44 12.84
N GLY E 17 -15.39 6.10 13.06
CA GLY E 17 -15.74 4.86 13.71
C GLY E 17 -16.39 3.92 12.72
N ASP E 18 -17.06 4.49 11.73
CA ASP E 18 -17.56 3.70 10.61
C ASP E 18 -16.40 3.04 9.88
N LEU E 19 -15.50 3.85 9.34
CA LEU E 19 -14.41 3.33 8.53
C LEU E 19 -13.54 2.33 9.29
N THR E 20 -13.66 2.26 10.61
CA THR E 20 -12.87 1.31 11.37
C THR E 20 -13.37 -0.11 11.22
N LYS E 21 -14.41 -0.34 10.43
CA LYS E 21 -14.90 -1.68 10.16
C LYS E 21 -14.21 -2.32 8.96
N TRP E 22 -14.10 -1.58 7.86
CA TRP E 22 -13.37 -2.04 6.68
C TRP E 22 -11.90 -1.67 6.72
N MET E 23 -11.36 -1.30 7.88
CA MET E 23 -10.00 -0.77 7.97
C MET E 23 -9.53 -0.82 9.42
N GLN E 24 -8.38 -0.21 9.68
CA GLN E 24 -7.83 -0.06 11.02
C GLN E 24 -7.30 1.34 11.16
N GLU E 25 -7.17 1.79 12.41
CA GLU E 25 -6.58 3.09 12.73
C GLU E 25 -5.18 2.84 13.26
N ILE E 26 -4.18 3.18 12.45
CA ILE E 26 -2.79 2.95 12.84
C ILE E 26 -2.18 4.21 13.43
N ALA E 27 -2.76 5.37 13.15
CA ALA E 27 -2.32 6.63 13.75
C ALA E 27 -3.55 7.54 13.84
N ILE E 28 -3.32 8.82 14.06
CA ILE E 28 -4.41 9.79 14.19
C ILE E 28 -4.70 10.37 12.81
N GLY E 29 -5.79 9.92 12.20
CA GLY E 29 -6.14 10.37 10.88
C GLY E 29 -5.59 9.52 9.76
N VAL E 30 -5.09 8.32 10.08
CA VAL E 30 -4.49 7.43 9.09
C VAL E 30 -5.15 6.07 9.21
N TYR E 31 -5.89 5.68 8.19
CA TYR E 31 -6.67 4.45 8.17
C TYR E 31 -6.13 3.53 7.08
N VAL E 32 -5.77 2.32 7.48
CA VAL E 32 -5.09 1.35 6.63
C VAL E 32 -6.03 0.21 6.28
N GLY E 33 -5.93 -0.28 5.04
CA GLY E 33 -6.77 -1.39 4.61
C GLY E 33 -6.38 -2.07 3.31
N ASN E 34 -6.44 -3.40 3.31
CA ASN E 34 -6.20 -4.22 2.13
C ASN E 34 -7.50 -4.85 1.66
N PHE E 35 -7.96 -4.47 0.48
CA PHE E 35 -9.16 -5.05 -0.11
C PHE E 35 -9.24 -4.66 -1.58
N ASN E 36 -10.25 -5.16 -2.25
CA ASN E 36 -10.34 -5.15 -3.71
C ASN E 36 -11.00 -3.87 -4.22
N SER E 37 -11.38 -3.86 -5.50
CA SER E 37 -11.59 -2.62 -6.23
C SER E 37 -12.99 -2.05 -6.05
N ARG E 38 -14.03 -2.88 -6.11
CA ARG E 38 -15.39 -2.36 -6.06
C ARG E 38 -15.71 -1.83 -4.67
N ILE E 39 -15.31 -2.57 -3.64
CA ILE E 39 -15.39 -2.05 -2.28
C ILE E 39 -14.74 -0.67 -2.21
N ARG E 40 -13.49 -0.58 -2.67
CA ARG E 40 -12.76 0.69 -2.68
C ARG E 40 -13.56 1.79 -3.35
N GLU E 41 -14.09 1.52 -4.55
CA GLU E 41 -14.75 2.54 -5.34
C GLU E 41 -16.14 2.88 -4.81
N LYS E 42 -16.67 2.10 -3.88
CA LYS E 42 -17.90 2.48 -3.20
C LYS E 42 -17.62 3.22 -1.90
N LEU E 43 -16.61 2.78 -1.15
CA LEU E 43 -16.15 3.54 0.00
C LEU E 43 -15.77 4.97 -0.39
N TRP E 44 -15.10 5.14 -1.52
CA TRP E 44 -14.67 6.47 -1.92
C TRP E 44 -15.85 7.38 -2.24
N ASN E 45 -17.07 6.86 -2.28
CA ASN E 45 -18.26 7.70 -2.40
C ASN E 45 -19.03 7.79 -1.10
N ARG E 46 -19.07 6.71 -0.33
CA ARG E 46 -19.58 6.79 1.04
C ARG E 46 -18.82 7.83 1.85
N ILE E 47 -17.58 8.12 1.44
CA ILE E 47 -16.75 9.07 2.18
C ILE E 47 -16.83 10.47 1.57
N GLN E 48 -17.10 10.56 0.26
CA GLN E 48 -17.18 11.87 -0.39
C GLN E 48 -18.34 12.71 0.11
N ALA E 49 -19.37 12.11 0.69
CA ALA E 49 -20.55 12.85 1.10
C ALA E 49 -20.75 12.93 2.61
N ASN E 50 -20.21 11.99 3.38
CA ASN E 50 -20.28 12.01 4.83
C ASN E 50 -19.10 12.77 5.44
N VAL E 51 -18.50 13.69 4.69
CA VAL E 51 -17.30 14.39 5.13
C VAL E 51 -17.60 15.83 5.53
N GLY E 52 -18.44 16.51 4.78
CA GLY E 52 -18.85 17.87 5.13
C GLY E 52 -17.85 18.91 4.63
N GLU E 53 -17.28 19.67 5.56
CA GLU E 53 -16.31 20.70 5.25
C GLU E 53 -14.86 20.20 5.27
N GLY E 54 -14.60 19.08 5.91
CA GLY E 54 -13.26 18.55 6.02
C GLY E 54 -12.71 18.11 4.67
N GLU E 55 -11.68 17.27 4.76
CA GLU E 55 -10.98 16.79 3.59
C GLU E 55 -10.36 15.44 3.89
N ALA E 56 -10.16 14.64 2.84
CA ALA E 56 -9.68 13.28 2.98
C ALA E 56 -8.78 12.95 1.80
N THR E 57 -8.22 11.74 1.84
CA THR E 57 -7.27 11.29 0.83
C THR E 57 -7.20 9.76 0.86
N ILE E 58 -7.03 9.18 -0.32
CA ILE E 58 -6.91 7.73 -0.47
C ILE E 58 -5.80 7.43 -1.45
N SER E 59 -5.08 6.34 -1.19
CA SER E 59 -3.98 5.92 -2.05
C SER E 59 -3.93 4.40 -2.08
N TYR E 60 -3.76 3.86 -3.29
CA TYR E 60 -3.85 2.41 -3.47
C TYR E 60 -2.73 1.92 -4.37
N TYR E 61 -2.33 0.68 -4.13
CA TYR E 61 -1.41 -0.03 -5.00
C TYR E 61 -1.99 -0.14 -6.41
N TYR E 62 -1.09 -0.16 -7.39
CA TYR E 62 -1.47 -0.20 -8.80
C TYR E 62 -0.28 -0.77 -9.56
N ARG E 63 -0.28 -0.57 -10.88
CA ARG E 63 0.86 -0.95 -11.73
C ARG E 63 1.01 0.17 -12.75
N ASN E 64 1.85 1.14 -12.43
CA ASN E 64 2.19 2.24 -13.30
C ASN E 64 3.71 2.39 -13.27
N GLU E 65 4.22 3.44 -13.91
CA GLU E 65 5.66 3.63 -13.96
C GLU E 65 6.27 3.92 -12.60
N ILE E 66 5.49 4.47 -11.66
CA ILE E 66 5.99 4.79 -10.33
C ILE E 66 5.50 3.78 -9.29
N GLY E 67 4.25 3.36 -9.37
CA GLY E 67 3.80 2.24 -8.57
C GLY E 67 2.59 2.48 -7.68
N TYR E 68 1.80 3.52 -7.95
CA TYR E 68 0.63 3.79 -7.13
C TYR E 68 -0.13 4.97 -7.70
N GLN E 69 -1.35 5.15 -7.20
CA GLN E 69 -2.19 6.29 -7.49
C GLN E 69 -2.83 6.78 -6.20
N PHE E 70 -3.49 7.92 -6.29
CA PHE E 70 -4.15 8.50 -5.12
C PHE E 70 -5.10 9.61 -5.58
N ASP E 71 -6.05 9.95 -4.71
CA ASP E 71 -7.06 10.94 -5.02
C ASP E 71 -7.20 11.88 -3.83
N MET E 72 -7.69 13.09 -4.11
CA MET E 72 -7.80 14.15 -3.11
C MET E 72 -9.13 14.87 -3.26
N ILE E 73 -9.71 15.23 -2.12
CA ILE E 73 -10.97 15.97 -2.10
C ILE E 73 -10.87 17.14 -1.14
N ASN E 74 -11.09 18.35 -1.66
CA ASN E 74 -11.19 19.56 -0.84
C ASN E 74 -9.94 19.77 0.01
N SER E 75 -8.78 19.72 -0.62
CA SER E 75 -7.52 19.98 0.05
C SER E 75 -6.86 21.22 -0.55
N GLN E 76 -6.02 21.87 0.24
CA GLN E 76 -5.27 23.01 -0.26
C GLN E 76 -4.09 22.58 -1.12
N LYS E 77 -3.73 21.30 -1.05
CA LYS E 77 -2.79 20.72 -2.00
C LYS E 77 -3.50 20.49 -3.32
N SER E 78 -2.83 19.82 -4.24
CA SER E 78 -3.40 19.46 -5.52
C SER E 78 -2.61 18.27 -6.05
N VAL E 79 -2.84 17.93 -7.33
CA VAL E 79 -2.14 16.83 -7.96
C VAL E 79 -1.98 17.17 -9.43
N VAL E 80 -0.74 17.11 -9.92
CA VAL E 80 -0.42 17.49 -11.29
C VAL E 80 0.31 16.33 -11.95
N ASP E 81 0.19 16.26 -13.27
CA ASP E 81 0.80 15.19 -14.07
C ASP E 81 2.00 15.76 -14.81
N PHE E 82 3.17 15.18 -14.57
CA PHE E 82 4.37 15.53 -15.33
C PHE E 82 4.54 14.48 -16.42
N ASP E 83 3.75 14.64 -17.49
CA ASP E 83 3.85 13.79 -18.67
C ASP E 83 3.71 12.31 -18.31
N GLY E 84 2.59 12.00 -17.67
CA GLY E 84 2.20 10.64 -17.38
C GLY E 84 2.29 10.25 -15.92
N ILE E 85 3.12 10.92 -15.13
CA ILE E 85 3.34 10.55 -13.73
C ILE E 85 2.66 11.58 -12.84
N PRO E 86 1.96 11.16 -11.78
CA PRO E 86 1.29 12.13 -10.91
C PRO E 86 2.19 12.65 -9.80
N LEU E 87 2.24 13.98 -9.67
CA LEU E 87 3.04 14.62 -8.65
C LEU E 87 2.22 15.67 -7.91
N VAL E 88 2.47 15.76 -6.60
CA VAL E 88 1.73 16.67 -5.75
C VAL E 88 2.12 18.11 -6.07
N LEU E 89 1.32 19.04 -5.55
CA LEU E 89 1.51 20.47 -5.73
C LEU E 89 1.20 21.16 -4.42
N ILE E 90 1.60 22.42 -4.32
CA ILE E 90 1.43 23.22 -3.11
C ILE E 90 1.34 24.68 -3.55
N PRO E 91 0.16 25.20 -3.87
CA PRO E 91 0.08 26.51 -4.52
C PRO E 91 0.55 27.65 -3.64
N ASN E 92 0.46 28.86 -4.17
CA ASN E 92 0.94 30.07 -3.51
C ASN E 92 -0.26 30.90 -3.04
N SER E 93 0.00 31.78 -2.08
CA SER E 93 -1.05 32.60 -1.51
C SER E 93 -1.76 33.42 -2.59
N MET F 1 8.40 -6.18 -4.28
CA MET F 1 8.19 -4.74 -4.53
C MET F 1 6.93 -4.23 -3.84
N PRO F 2 6.82 -4.41 -2.53
CA PRO F 2 5.56 -4.11 -1.83
C PRO F 2 5.28 -2.61 -1.79
N PHE F 3 4.12 -2.28 -1.22
CA PHE F 3 3.71 -0.91 -0.98
C PHE F 3 4.04 -0.53 0.45
N THR F 4 4.61 0.66 0.62
CA THR F 4 5.07 1.11 1.93
C THR F 4 4.47 2.48 2.24
N VAL F 5 4.07 2.65 3.49
CA VAL F 5 3.55 3.91 4.01
C VAL F 5 4.21 4.22 5.35
N VAL F 6 4.63 5.48 5.51
CA VAL F 6 5.32 5.93 6.70
C VAL F 6 4.63 7.17 7.25
N THR F 7 4.57 7.26 8.58
CA THR F 7 3.97 8.39 9.27
C THR F 7 5.01 9.02 10.19
N LEU F 8 5.01 10.35 10.26
CA LEU F 8 5.96 11.08 11.09
C LEU F 8 5.27 12.21 11.83
N LYS F 9 5.51 12.27 13.14
CA LYS F 9 4.93 13.30 14.00
C LYS F 9 6.01 13.84 14.92
N SER F 10 6.14 15.17 14.97
CA SER F 10 7.07 15.84 15.88
C SER F 10 8.51 15.38 15.64
N VAL F 11 9.01 15.69 14.44
CA VAL F 11 10.38 15.32 14.08
C VAL F 11 11.09 16.55 13.53
N PRO F 12 12.42 16.51 13.49
CA PRO F 12 13.18 17.63 12.94
C PRO F 12 12.96 17.76 11.44
N PRO F 13 12.95 18.99 10.91
CA PRO F 13 12.76 19.16 9.46
C PRO F 13 13.85 18.55 8.61
N SER F 14 14.89 18.00 9.21
CA SER F 14 15.92 17.28 8.46
C SER F 14 15.59 15.80 8.34
N LEU F 15 14.33 15.44 8.53
CA LEU F 15 13.82 14.11 8.25
C LEU F 15 12.49 14.17 7.52
N ARG F 16 11.88 15.34 7.42
CA ARG F 16 10.63 15.56 6.70
C ARG F 16 10.84 15.93 5.24
N GLY F 17 12.08 16.18 4.83
CA GLY F 17 12.36 16.58 3.47
C GLY F 17 13.34 15.64 2.82
N ASP F 18 14.12 14.95 3.66
CA ASP F 18 14.98 13.88 3.16
C ASP F 18 14.13 12.75 2.63
N LEU F 19 13.22 12.24 3.45
CA LEU F 19 12.32 11.17 3.05
C LEU F 19 11.54 11.51 1.79
N THR F 20 11.49 12.78 1.39
CA THR F 20 10.88 13.15 0.12
C THR F 20 11.77 12.88 -1.06
N LYS F 21 12.85 12.13 -0.88
CA LYS F 21 13.69 11.73 -2.01
C LYS F 21 13.24 10.38 -2.54
N TRP F 22 13.14 9.39 -1.67
CA TRP F 22 12.43 8.15 -2.02
C TRP F 22 10.95 8.42 -2.27
N MET F 23 10.24 8.85 -1.21
CA MET F 23 8.80 8.88 -1.17
C MET F 23 8.23 10.20 -1.70
N GLN F 24 6.95 10.42 -1.44
CA GLN F 24 6.21 11.56 -1.95
C GLN F 24 5.14 11.92 -0.92
N GLU F 25 4.75 13.19 -0.89
CA GLU F 25 3.82 13.71 0.10
C GLU F 25 2.43 13.91 -0.50
N ILE F 26 1.43 13.40 0.20
CA ILE F 26 0.03 13.53 -0.18
C ILE F 26 -0.72 14.32 0.88
N ALA F 27 -0.21 14.29 2.11
CA ALA F 27 -0.77 15.08 3.19
C ALA F 27 0.32 15.27 4.25
N ILE F 28 -0.07 15.77 5.42
CA ILE F 28 0.88 16.11 6.47
C ILE F 28 1.21 14.86 7.27
N GLY F 29 2.50 14.60 7.46
CA GLY F 29 2.93 13.43 8.20
C GLY F 29 2.62 12.12 7.52
N VAL F 30 2.24 12.16 6.25
CA VAL F 30 1.80 10.99 5.51
C VAL F 30 2.71 10.83 4.30
N TYR F 31 3.49 9.75 4.27
CA TYR F 31 4.48 9.52 3.22
C TYR F 31 4.29 8.12 2.66
N VAL F 32 4.06 8.04 1.36
CA VAL F 32 3.69 6.81 0.67
C VAL F 32 4.72 6.53 -0.43
N GLY F 33 5.10 5.26 -0.54
CA GLY F 33 6.09 4.89 -1.54
C GLY F 33 6.08 3.41 -1.82
N ASN F 34 6.43 3.08 -3.06
CA ASN F 34 6.51 1.71 -3.56
C ASN F 34 7.97 1.32 -3.75
N PHE F 35 8.42 0.30 -3.02
CA PHE F 35 9.75 -0.26 -3.22
C PHE F 35 9.88 -1.52 -2.38
N ASN F 36 11.07 -2.12 -2.44
CA ASN F 36 11.27 -3.50 -2.04
C ASN F 36 11.83 -3.57 -0.62
N SER F 37 12.20 -4.78 -0.21
CA SER F 37 12.45 -5.07 1.20
C SER F 37 13.81 -4.58 1.68
N ARG F 38 14.85 -4.74 0.85
CA ARG F 38 16.18 -4.35 1.30
C ARG F 38 16.29 -2.84 1.53
N ILE F 39 15.66 -2.04 0.69
CA ILE F 39 15.63 -0.59 0.87
C ILE F 39 14.93 -0.22 2.17
N ARG F 40 13.72 -0.73 2.41
CA ARG F 40 12.96 -0.31 3.57
C ARG F 40 13.53 -0.86 4.88
N GLU F 41 14.13 -2.04 4.86
CA GLU F 41 14.77 -2.54 6.07
C GLU F 41 16.01 -1.74 6.43
N LYS F 42 16.44 -0.83 5.55
CA LYS F 42 17.46 0.15 5.85
C LYS F 42 16.87 1.50 6.24
N LEU F 43 15.89 1.98 5.47
CA LEU F 43 15.16 3.18 5.83
C LEU F 43 14.57 3.13 7.23
N TRP F 44 14.19 1.96 7.73
CA TRP F 44 13.64 1.87 9.07
C TRP F 44 14.71 2.02 10.14
N ASN F 45 15.91 1.46 9.92
CA ASN F 45 17.02 1.69 10.84
C ASN F 45 17.59 3.09 10.68
N ARG F 46 17.28 3.76 9.58
CA ARG F 46 17.65 5.16 9.40
C ARG F 46 16.70 6.10 10.11
N ILE F 47 15.45 5.67 10.31
CA ILE F 47 14.45 6.54 10.92
C ILE F 47 14.29 6.23 12.40
N GLN F 48 14.67 5.03 12.84
CA GLN F 48 14.74 4.74 14.26
C GLN F 48 15.70 5.67 14.99
N ALA F 49 16.70 6.19 14.28
CA ALA F 49 17.82 6.87 14.90
C ALA F 49 17.69 8.40 14.88
N ASN F 50 17.44 8.97 13.71
CA ASN F 50 17.42 10.42 13.53
C ASN F 50 16.01 11.00 13.67
N VAL F 51 15.17 10.39 14.49
CA VAL F 51 13.82 10.88 14.72
C VAL F 51 13.76 11.77 15.95
N GLY F 52 14.46 11.40 17.02
CA GLY F 52 14.55 12.24 18.20
C GLY F 52 13.63 11.82 19.31
N GLU F 53 12.62 12.65 19.58
CA GLU F 53 11.59 12.36 20.57
C GLU F 53 10.25 11.99 19.94
N GLY F 54 10.02 12.36 18.69
CA GLY F 54 8.75 12.17 18.05
C GLY F 54 8.41 10.71 17.82
N GLU F 55 7.46 10.50 16.92
CA GLU F 55 6.87 9.19 16.67
C GLU F 55 6.86 8.92 15.17
N ALA F 56 6.89 7.64 14.82
CA ALA F 56 6.80 7.25 13.43
C ALA F 56 6.29 5.82 13.35
N THR F 57 5.59 5.51 12.25
CA THR F 57 4.99 4.21 12.05
C THR F 57 5.15 3.82 10.59
N ILE F 58 5.28 2.51 10.36
CA ILE F 58 5.44 1.96 9.02
C ILE F 58 4.42 0.84 8.84
N SER F 59 3.89 0.74 7.63
CA SER F 59 2.99 -0.36 7.29
C SER F 59 3.19 -0.72 5.84
N TYR F 60 3.45 -2.01 5.58
CA TYR F 60 3.80 -2.47 4.25
C TYR F 60 2.86 -3.59 3.83
N TYR F 61 2.69 -3.71 2.51
CA TYR F 61 1.96 -4.83 1.94
C TYR F 61 2.75 -6.12 2.16
N TYR F 62 2.00 -7.21 2.34
CA TYR F 62 2.55 -8.50 2.73
C TYR F 62 1.55 -9.56 2.30
N ARG F 63 1.69 -10.76 2.86
CA ARG F 63 0.72 -11.84 2.64
C ARG F 63 0.56 -12.60 3.95
N ASN F 64 -0.43 -12.16 4.73
CA ASN F 64 -0.87 -12.84 5.94
C ASN F 64 -2.37 -13.07 5.80
N GLU F 65 -3.04 -13.50 6.86
CA GLU F 65 -4.47 -13.76 6.73
C GLU F 65 -5.31 -12.50 6.55
N ILE F 66 -4.75 -11.31 6.80
CA ILE F 66 -5.48 -10.06 6.65
C ILE F 66 -4.89 -9.18 5.56
N GLY F 67 -3.57 -9.12 5.46
CA GLY F 67 -2.95 -8.53 4.29
C GLY F 67 -1.94 -7.41 4.51
N TYR F 68 -1.37 -7.28 5.71
CA TYR F 68 -0.36 -6.26 5.93
C TYR F 68 0.26 -6.43 7.31
N GLN F 69 1.42 -5.79 7.49
CA GLN F 69 2.14 -5.73 8.75
C GLN F 69 2.51 -4.28 9.02
N PHE F 70 2.90 -4.00 10.27
CA PHE F 70 3.30 -2.65 10.65
C PHE F 70 4.12 -2.70 11.94
N ASP F 71 4.82 -1.60 12.21
CA ASP F 71 5.58 -1.45 13.45
C ASP F 71 5.59 0.03 13.84
N MET F 72 6.06 0.29 15.07
CA MET F 72 5.95 1.63 15.65
C MET F 72 7.22 1.97 16.42
N ILE F 73 7.45 3.27 16.60
CA ILE F 73 8.51 3.78 17.47
C ILE F 73 7.92 4.86 18.38
N ASN F 74 8.04 4.67 19.69
CA ASN F 74 7.69 5.65 20.72
C ASN F 74 6.23 6.06 20.70
N SER F 75 5.35 5.29 20.07
CA SER F 75 3.94 5.66 20.01
C SER F 75 3.19 4.96 21.13
N GLN F 76 2.19 5.67 21.67
CA GLN F 76 1.43 5.11 22.79
C GLN F 76 0.55 3.95 22.35
N LYS F 77 0.11 3.96 21.09
CA LYS F 77 -0.63 2.82 20.54
C LYS F 77 0.24 1.58 20.53
N SER F 78 -0.09 0.61 21.38
CA SER F 78 0.67 -0.63 21.48
C SER F 78 0.23 -1.57 20.35
N VAL F 79 0.65 -2.82 20.44
CA VAL F 79 0.32 -3.83 19.45
C VAL F 79 0.18 -5.18 20.14
N VAL F 80 -0.93 -5.86 19.89
CA VAL F 80 -1.25 -7.12 20.56
C VAL F 80 -1.34 -8.21 19.51
N ASP F 81 -1.13 -9.45 19.96
CA ASP F 81 -1.22 -10.63 19.11
C ASP F 81 -2.55 -11.31 19.41
N PHE F 82 -3.54 -11.08 18.55
CA PHE F 82 -4.85 -11.70 18.72
C PHE F 82 -4.87 -13.08 18.07
N ASP F 83 -4.02 -13.96 18.61
CA ASP F 83 -3.94 -15.35 18.18
C ASP F 83 -3.72 -15.44 16.67
N GLY F 84 -2.63 -14.83 16.23
CA GLY F 84 -2.21 -14.87 14.84
C GLY F 84 -2.30 -13.55 14.11
N ILE F 85 -3.24 -12.69 14.48
CA ILE F 85 -3.48 -11.44 13.75
C ILE F 85 -2.97 -10.26 14.57
N PRO F 86 -2.36 -9.25 13.93
CA PRO F 86 -1.96 -8.05 14.68
C PRO F 86 -3.06 -7.02 14.76
N LEU F 87 -3.36 -6.53 15.95
CA LEU F 87 -4.41 -5.55 16.14
C LEU F 87 -3.91 -4.43 17.03
N VAL F 88 -4.21 -3.19 16.64
CA VAL F 88 -3.74 -2.02 17.36
C VAL F 88 -4.53 -1.85 18.65
N LEU F 89 -3.87 -1.27 19.65
CA LEU F 89 -4.42 -1.12 20.99
C LEU F 89 -4.28 0.34 21.40
N ILE F 90 -4.96 0.68 22.49
CA ILE F 90 -5.01 2.04 23.02
C ILE F 90 -5.16 1.94 24.53
N PRO F 91 -4.09 1.95 25.30
CA PRO F 91 -4.18 1.65 26.72
C PRO F 91 -4.74 2.82 27.52
N ASN F 92 -4.82 2.61 28.83
CA ASN F 92 -5.39 3.59 29.74
C ASN F 92 -4.30 4.21 30.62
#